data_275D
# 
_entry.id   275D 
# 
_audit_conform.dict_name       mmcif_pdbx.dic 
_audit_conform.dict_version    5.387 
_audit_conform.dict_location   http://mmcif.pdb.org/dictionaries/ascii/mmcif_pdbx.dic 
# 
loop_
_database_2.database_id 
_database_2.database_code 
_database_2.pdbx_database_accession 
_database_2.pdbx_DOI 
PDB   275D         pdb_0000275d 10.2210/pdb275d/pdb 
RCSB  ADFB63       ?            ?                   
WWPDB D_1000177687 ?            ?                   
# 
loop_
_pdbx_audit_revision_history.ordinal 
_pdbx_audit_revision_history.data_content_type 
_pdbx_audit_revision_history.major_revision 
_pdbx_audit_revision_history.minor_revision 
_pdbx_audit_revision_history.revision_date 
1 'Structure model' 1 0 1996-04-15 
2 'Structure model' 1 1 2008-05-22 
3 'Structure model' 1 2 2011-07-13 
4 'Structure model' 1 3 2024-02-14 
# 
_pdbx_audit_revision_details.ordinal             1 
_pdbx_audit_revision_details.revision_ordinal    1 
_pdbx_audit_revision_details.data_content_type   'Structure model' 
_pdbx_audit_revision_details.provider            repository 
_pdbx_audit_revision_details.type                'Initial release' 
_pdbx_audit_revision_details.description         ? 
_pdbx_audit_revision_details.details             ? 
# 
loop_
_pdbx_audit_revision_group.ordinal 
_pdbx_audit_revision_group.revision_ordinal 
_pdbx_audit_revision_group.data_content_type 
_pdbx_audit_revision_group.group 
1 2 'Structure model' 'Version format compliance' 
2 3 'Structure model' 'Version format compliance' 
3 4 'Structure model' 'Data collection'           
4 4 'Structure model' 'Database references'       
5 4 'Structure model' 'Derived calculations'      
# 
loop_
_pdbx_audit_revision_category.ordinal 
_pdbx_audit_revision_category.revision_ordinal 
_pdbx_audit_revision_category.data_content_type 
_pdbx_audit_revision_category.category 
1 4 'Structure model' chem_comp_atom 
2 4 'Structure model' chem_comp_bond 
3 4 'Structure model' database_2     
4 4 'Structure model' struct_conn    
# 
loop_
_pdbx_audit_revision_item.ordinal 
_pdbx_audit_revision_item.revision_ordinal 
_pdbx_audit_revision_item.data_content_type 
_pdbx_audit_revision_item.item 
1 4 'Structure model' '_database_2.pdbx_DOI'                
2 4 'Structure model' '_database_2.pdbx_database_accession' 
3 4 'Structure model' '_struct_conn.pdbx_leaving_atom_flag' 
# 
_pdbx_database_status.status_code                     REL 
_pdbx_database_status.entry_id                        275D 
_pdbx_database_status.recvd_initial_deposition_date   1995-09-29 
_pdbx_database_status.deposit_site                    NDB 
_pdbx_database_status.process_site                    NDB 
_pdbx_database_status.status_code_sf                  REL 
_pdbx_database_status.status_code_mr                  ? 
_pdbx_database_status.SG_entry                        ? 
_pdbx_database_status.pdb_format_compatible           Y 
_pdbx_database_status.status_code_cs                  ? 
_pdbx_database_status.status_code_nmr_data            ? 
_pdbx_database_status.methods_development_category    ? 
# 
loop_
_audit_author.name 
_audit_author.pdbx_ordinal 
'Mooers, B.H.'  1 
'Schroth, G.P.' 2 
'Baxter, W.W.'  3 
'Ho, P.S.'      4 
# 
_citation.id                        primary 
_citation.title                     'Alternating and non-alternating dG-dC hexanucleotides crystallize as canonical A-DNA.' 
_citation.journal_abbrev            J.Mol.Biol. 
_citation.journal_volume            249 
_citation.page_first                772 
_citation.page_last                 784 
_citation.year                      1995 
_citation.journal_id_ASTM           JMOBAK 
_citation.country                   UK 
_citation.journal_id_ISSN           0022-2836 
_citation.journal_id_CSD            0070 
_citation.book_publisher            ? 
_citation.pdbx_database_id_PubMed   7602589 
_citation.pdbx_database_id_DOI      10.1006/jmbi.1995.0336 
# 
loop_
_citation_author.citation_id 
_citation_author.name 
_citation_author.ordinal 
_citation_author.identifier_ORCID 
primary 'Mooers, B.H.'  1 ? 
primary 'Schroth, G.P.' 2 ? 
primary 'Baxter, W.W.'  3 ? 
primary 'Ho, P.S.'      4 ? 
# 
loop_
_entity.id 
_entity.type 
_entity.src_method 
_entity.pdbx_description 
_entity.formula_weight 
_entity.pdbx_number_of_molecules 
_entity.pdbx_ec 
_entity.pdbx_mutation 
_entity.pdbx_fragment 
_entity.details 
1 polymer syn 
;DNA (5'-D(*GP*(5CM)P*CP*GP*GP*C)-3')
;
1824.232 2  ? ? ? ? 
2 water   nat water                                  18.015   31 ? ? ? ? 
# 
_entity_poly.entity_id                      1 
_entity_poly.type                           polydeoxyribonucleotide 
_entity_poly.nstd_linkage                   no 
_entity_poly.nstd_monomer                   yes 
_entity_poly.pdbx_seq_one_letter_code       '(DG)(5CM)(DC)(DG)(DG)(DC)' 
_entity_poly.pdbx_seq_one_letter_code_can   GCCGGC 
_entity_poly.pdbx_strand_id                 A,B 
_entity_poly.pdbx_target_identifier         ? 
# 
_pdbx_entity_nonpoly.entity_id   2 
_pdbx_entity_nonpoly.name        water 
_pdbx_entity_nonpoly.comp_id     HOH 
# 
loop_
_entity_poly_seq.entity_id 
_entity_poly_seq.num 
_entity_poly_seq.mon_id 
_entity_poly_seq.hetero 
1 1 DG  n 
1 2 5CM n 
1 3 DC  n 
1 4 DG  n 
1 5 DG  n 
1 6 DC  n 
# 
loop_
_chem_comp.id 
_chem_comp.type 
_chem_comp.mon_nstd_flag 
_chem_comp.name 
_chem_comp.pdbx_synonyms 
_chem_comp.formula 
_chem_comp.formula_weight 
5CM 'DNA linking' n "5-METHYL-2'-DEOXY-CYTIDINE-5'-MONOPHOSPHATE" ? 'C10 H16 N3 O7 P' 321.224 
DC  'DNA linking' y "2'-DEOXYCYTIDINE-5'-MONOPHOSPHATE"           ? 'C9 H14 N3 O7 P'  307.197 
DG  'DNA linking' y "2'-DEOXYGUANOSINE-5'-MONOPHOSPHATE"          ? 'C10 H14 N5 O7 P' 347.221 
HOH non-polymer   . WATER                                         ? 'H2 O'            18.015  
# 
loop_
_pdbx_poly_seq_scheme.asym_id 
_pdbx_poly_seq_scheme.entity_id 
_pdbx_poly_seq_scheme.seq_id 
_pdbx_poly_seq_scheme.mon_id 
_pdbx_poly_seq_scheme.ndb_seq_num 
_pdbx_poly_seq_scheme.pdb_seq_num 
_pdbx_poly_seq_scheme.auth_seq_num 
_pdbx_poly_seq_scheme.pdb_mon_id 
_pdbx_poly_seq_scheme.auth_mon_id 
_pdbx_poly_seq_scheme.pdb_strand_id 
_pdbx_poly_seq_scheme.pdb_ins_code 
_pdbx_poly_seq_scheme.hetero 
A 1 1 DG  1 1  1  DG  G  A . n 
A 1 2 5CM 2 2  2  5CM +C A . n 
A 1 3 DC  3 3  3  DC  C  A . n 
A 1 4 DG  4 4  4  DG  G  A . n 
A 1 5 DG  5 5  5  DG  G  A . n 
A 1 6 DC  6 6  6  DC  C  A . n 
B 1 1 DG  1 7  7  DG  G  B . n 
B 1 2 5CM 2 8  8  5CM +C B . n 
B 1 3 DC  3 9  9  DC  C  B . n 
B 1 4 DG  4 10 10 DG  G  B . n 
B 1 5 DG  5 11 11 DG  G  B . n 
B 1 6 DC  6 12 12 DC  C  B . n 
# 
loop_
_pdbx_nonpoly_scheme.asym_id 
_pdbx_nonpoly_scheme.entity_id 
_pdbx_nonpoly_scheme.mon_id 
_pdbx_nonpoly_scheme.ndb_seq_num 
_pdbx_nonpoly_scheme.pdb_seq_num 
_pdbx_nonpoly_scheme.auth_seq_num 
_pdbx_nonpoly_scheme.pdb_mon_id 
_pdbx_nonpoly_scheme.auth_mon_id 
_pdbx_nonpoly_scheme.pdb_strand_id 
_pdbx_nonpoly_scheme.pdb_ins_code 
C 2 HOH 1  14 14 HOH HOH A . 
C 2 HOH 2  22 22 HOH HOH A . 
C 2 HOH 3  24 24 HOH HOH A . 
C 2 HOH 4  25 25 HOH HOH A . 
C 2 HOH 5  26 26 HOH HOH A . 
C 2 HOH 6  30 30 HOH HOH A . 
C 2 HOH 7  31 31 HOH HOH A . 
C 2 HOH 8  32 32 HOH HOH A . 
C 2 HOH 9  34 34 HOH HOH A . 
C 2 HOH 10 37 37 HOH HOH A . 
C 2 HOH 11 39 39 HOH HOH A . 
C 2 HOH 12 40 40 HOH HOH A . 
C 2 HOH 13 41 41 HOH HOH A . 
D 2 HOH 1  13 13 HOH HOH B . 
D 2 HOH 2  15 15 HOH HOH B . 
D 2 HOH 3  16 16 HOH HOH B . 
D 2 HOH 4  17 17 HOH HOH B . 
D 2 HOH 5  18 18 HOH HOH B . 
D 2 HOH 6  19 19 HOH HOH B . 
D 2 HOH 7  20 20 HOH HOH B . 
D 2 HOH 8  21 21 HOH HOH B . 
D 2 HOH 9  23 23 HOH HOH B . 
D 2 HOH 10 27 27 HOH HOH B . 
D 2 HOH 11 28 28 HOH HOH B . 
D 2 HOH 12 29 29 HOH HOH B . 
D 2 HOH 13 33 33 HOH HOH B . 
D 2 HOH 14 35 35 HOH HOH B . 
D 2 HOH 15 36 36 HOH HOH B . 
D 2 HOH 16 38 38 HOH HOH B . 
D 2 HOH 17 42 42 HOH HOH B . 
D 2 HOH 18 43 43 HOH HOH B . 
# 
loop_
_software.name 
_software.classification 
_software.version 
_software.citation_id 
_software.pdbx_ordinal 
X-PLOR refinement       . ? 1 
XSCANS 'data reduction' . ? 2 
# 
_cell.entry_id           275D 
_cell.length_a           38.900 
_cell.length_b           45.970 
_cell.length_c           39.050 
_cell.angle_alpha        90.00 
_cell.angle_beta         90.00 
_cell.angle_gamma        90.00 
_cell.Z_PDB              16 
_cell.pdbx_unique_axis   ? 
# 
_symmetry.entry_id                         275D 
_symmetry.space_group_name_H-M             'C 2 2 21' 
_symmetry.pdbx_full_space_group_name_H-M   ? 
_symmetry.cell_setting                     orthorhombic 
_symmetry.Int_Tables_number                20 
# 
_exptl.entry_id          275D 
_exptl.method            'X-RAY DIFFRACTION' 
_exptl.crystals_number   ? 
# 
_exptl_crystal.id                    1 
_exptl_crystal.density_meas          ? 
_exptl_crystal.density_Matthews      2.76 
_exptl_crystal.density_percent_sol   63.7000 
_exptl_crystal.description           ? 
# 
_exptl_crystal_grow.crystal_id      1 
_exptl_crystal_grow.method          'VAPOR DIFFUSION, SITTING DROP' 
_exptl_crystal_grow.temp            ? 
_exptl_crystal_grow.temp_details    'ROOM TEMPERATURE' 
_exptl_crystal_grow.pH              7.00 
_exptl_crystal_grow.pdbx_details    'pH 7.00, VAPOR DIFFUSION, SITTING DROP' 
_exptl_crystal_grow.pdbx_pH_range   ? 
# 
loop_
_exptl_crystal_grow_comp.crystal_id 
_exptl_crystal_grow_comp.id 
_exptl_crystal_grow_comp.sol_id 
_exptl_crystal_grow_comp.name 
_exptl_crystal_grow_comp.volume 
_exptl_crystal_grow_comp.conc 
_exptl_crystal_grow_comp.details 
1 1 1 WATER           ? ? ? 
1 2 1 MPD             ? ? ? 
1 3 1 'NA CACODYLATE' ? ? ? 
1 4 1 SPERMINE        ? ? ? 
1 5 1 MGCL2           ? ? ? 
1 6 2 WATER           ? ? ? 
1 7 2 MPD             ? ? ? 
# 
_diffrn.id                     1 
_diffrn.ambient_temp           ? 
_diffrn.ambient_temp_details   ? 
_diffrn.crystal_id             1 
# 
_diffrn_detector.diffrn_id              1 
_diffrn_detector.detector               DIFFRACTOMETER 
_diffrn_detector.type                   'SIEMENS P4' 
_diffrn_detector.pdbx_collection_date   1994-05-01 
_diffrn_detector.details                ? 
# 
_diffrn_radiation.diffrn_id                        1 
_diffrn_radiation.wavelength_id                    1 
_diffrn_radiation.pdbx_monochromatic_or_laue_m_l   M 
_diffrn_radiation.monochromator                    ? 
_diffrn_radiation.pdbx_diffrn_protocol             'SINGLE WAVELENGTH' 
_diffrn_radiation.pdbx_scattering_type             x-ray 
# 
_diffrn_radiation_wavelength.id           1 
_diffrn_radiation_wavelength.wavelength   . 
_diffrn_radiation_wavelength.wt           1.0 
# 
_diffrn_source.diffrn_id                   1 
_diffrn_source.source                      'SEALED TUBE' 
_diffrn_source.type                        ? 
_diffrn_source.pdbx_synchrotron_site       ? 
_diffrn_source.pdbx_synchrotron_beamline   ? 
_diffrn_source.pdbx_wavelength             ? 
_diffrn_source.pdbx_wavelength_list        ? 
# 
_reflns.entry_id                     275D 
_reflns.observed_criterion_sigma_I   0.000 
_reflns.observed_criterion_sigma_F   ? 
_reflns.d_resolution_low             30.000 
_reflns.d_resolution_high            2.000 
_reflns.number_obs                   1899 
_reflns.number_all                   2816 
_reflns.percent_possible_obs         73.600 
_reflns.pdbx_Rmerge_I_obs            0.05 
_reflns.pdbx_Rsym_value              ? 
_reflns.pdbx_netI_over_sigmaI        ? 
_reflns.B_iso_Wilson_estimate        ? 
_reflns.pdbx_redundancy              ? 
_reflns.R_free_details               ? 
_reflns.pdbx_diffrn_id               1 
_reflns.pdbx_ordinal                 1 
# 
_refine.entry_id                                 275D 
_refine.ls_number_reflns_obs                     1190 
_refine.ls_number_reflns_all                     ? 
_refine.pdbx_ls_sigma_I                          ? 
_refine.pdbx_ls_sigma_F                          2.000 
_refine.pdbx_data_cutoff_high_absF               ? 
_refine.pdbx_data_cutoff_low_absF                ? 
_refine.pdbx_data_cutoff_high_rms_absF           ? 
_refine.ls_d_res_low                             8.000 
_refine.ls_d_res_high                            2.000 
_refine.ls_percent_reflns_obs                    47.900 
_refine.ls_R_factor_obs                          0.151 
_refine.ls_R_factor_all                          0.172 
_refine.ls_R_factor_R_work                       ? 
_refine.ls_R_factor_R_free                       ? 
_refine.ls_R_factor_R_free_error                 ? 
_refine.ls_R_factor_R_free_error_details         ? 
_refine.ls_percent_reflns_R_free                 ? 
_refine.ls_number_reflns_R_free                  ? 
_refine.ls_number_parameters                     ? 
_refine.ls_number_restraints                     ? 
_refine.occupancy_min                            ? 
_refine.occupancy_max                            ? 
_refine.B_iso_mean                               15.60 
_refine.aniso_B[1][1]                            ? 
_refine.aniso_B[2][2]                            ? 
_refine.aniso_B[3][3]                            ? 
_refine.aniso_B[1][2]                            ? 
_refine.aniso_B[1][3]                            ? 
_refine.aniso_B[2][3]                            ? 
_refine.solvent_model_details                    ? 
_refine.solvent_model_param_ksol                 ? 
_refine.solvent_model_param_bsol                 ? 
_refine.pdbx_ls_cross_valid_method               ? 
_refine.details                                  ? 
_refine.pdbx_starting_model                      ? 
_refine.pdbx_method_to_determine_struct          ? 
_refine.pdbx_isotropic_thermal_model             ? 
_refine.pdbx_stereochemistry_target_values       ? 
_refine.pdbx_stereochem_target_val_spec_case     ? 
_refine.pdbx_R_Free_selection_details            ? 
_refine.pdbx_overall_ESU_R                       ? 
_refine.pdbx_overall_ESU_R_Free                  ? 
_refine.overall_SU_ML                            ? 
_refine.overall_SU_B                             ? 
_refine.ls_redundancy_reflns_obs                 ? 
_refine.correlation_coeff_Fo_to_Fc               ? 
_refine.correlation_coeff_Fo_to_Fc_free          ? 
_refine.overall_SU_R_Cruickshank_DPI             ? 
_refine.overall_SU_R_free                        ? 
_refine.pdbx_refine_id                           'X-RAY DIFFRACTION' 
_refine.pdbx_diffrn_id                           1 
_refine.pdbx_TLS_residual_ADP_flag               ? 
_refine.pdbx_solvent_vdw_probe_radii             ? 
_refine.pdbx_solvent_ion_probe_radii             ? 
_refine.pdbx_solvent_shrinkage_radii             ? 
_refine.pdbx_overall_phase_error                 ? 
_refine.pdbx_overall_SU_R_free_Cruickshank_DPI   ? 
_refine.pdbx_overall_SU_R_Blow_DPI               ? 
_refine.pdbx_overall_SU_R_free_Blow_DPI          ? 
# 
_refine_hist.pdbx_refine_id                   'X-RAY DIFFRACTION' 
_refine_hist.cycle_id                         LAST 
_refine_hist.pdbx_number_atoms_protein        0 
_refine_hist.pdbx_number_atoms_nucleic_acid   240 
_refine_hist.pdbx_number_atoms_ligand         2 
_refine_hist.number_atoms_solvent             31 
_refine_hist.number_atoms_total               273 
_refine_hist.d_res_high                       2.000 
_refine_hist.d_res_low                        8.000 
# 
loop_
_refine_ls_restr.type 
_refine_ls_restr.dev_ideal 
_refine_ls_restr.dev_ideal_target 
_refine_ls_restr.weight 
_refine_ls_restr.number 
_refine_ls_restr.pdbx_refine_id 
_refine_ls_restr.pdbx_restraint_function 
x_bond_d                0.020 ? ? ? 'X-RAY DIFFRACTION' ? 
x_bond_d_na             ?     ? ? ? 'X-RAY DIFFRACTION' ? 
x_bond_d_prot           ?     ? ? ? 'X-RAY DIFFRACTION' ? 
x_angle_d               ?     ? ? ? 'X-RAY DIFFRACTION' ? 
x_angle_d_na            ?     ? ? ? 'X-RAY DIFFRACTION' ? 
x_angle_d_prot          ?     ? ? ? 'X-RAY DIFFRACTION' ? 
x_angle_deg             4.16  ? ? ? 'X-RAY DIFFRACTION' ? 
x_angle_deg_na          ?     ? ? ? 'X-RAY DIFFRACTION' ? 
x_angle_deg_prot        ?     ? ? ? 'X-RAY DIFFRACTION' ? 
x_dihedral_angle_d      34.8  ? ? ? 'X-RAY DIFFRACTION' ? 
x_dihedral_angle_d_na   ?     ? ? ? 'X-RAY DIFFRACTION' ? 
x_dihedral_angle_d_prot ?     ? ? ? 'X-RAY DIFFRACTION' ? 
x_improper_angle_d      1.79  ? ? ? 'X-RAY DIFFRACTION' ? 
x_improper_angle_d_na   ?     ? ? ? 'X-RAY DIFFRACTION' ? 
x_improper_angle_d_prot ?     ? ? ? 'X-RAY DIFFRACTION' ? 
x_mcbond_it             ?     ? ? ? 'X-RAY DIFFRACTION' ? 
x_mcangle_it            ?     ? ? ? 'X-RAY DIFFRACTION' ? 
x_scbond_it             ?     ? ? ? 'X-RAY DIFFRACTION' ? 
x_scangle_it            ?     ? ? ? 'X-RAY DIFFRACTION' ? 
# 
_struct.entry_id                  275D 
_struct.title                     'ALTERNATING AND NON-ALTERNATING DG-DC HEXANUCLEOTIDES CRYSTALLIZE AS CANONICAL A-DNA' 
_struct.pdbx_model_details        ? 
_struct.pdbx_CASP_flag            ? 
_struct.pdbx_model_type_details   ? 
# 
_struct_keywords.entry_id        275D 
_struct_keywords.pdbx_keywords   DNA 
_struct_keywords.text            'A-DNA, DOUBLE HELIX, MODIFIED, DNA' 
# 
loop_
_struct_asym.id 
_struct_asym.pdbx_blank_PDB_chainid_flag 
_struct_asym.pdbx_modified 
_struct_asym.entity_id 
_struct_asym.details 
A N N 1 ? 
B N N 1 ? 
C N N 2 ? 
D N N 2 ? 
# 
_struct_ref.id                         1 
_struct_ref.entity_id                  1 
_struct_ref.db_name                    PDB 
_struct_ref.db_code                    275D 
_struct_ref.pdbx_db_accession          275D 
_struct_ref.pdbx_db_isoform            ? 
_struct_ref.pdbx_seq_one_letter_code   ? 
_struct_ref.pdbx_align_begin           ? 
# 
loop_
_struct_ref_seq.align_id 
_struct_ref_seq.ref_id 
_struct_ref_seq.pdbx_PDB_id_code 
_struct_ref_seq.pdbx_strand_id 
_struct_ref_seq.seq_align_beg 
_struct_ref_seq.pdbx_seq_align_beg_ins_code 
_struct_ref_seq.seq_align_end 
_struct_ref_seq.pdbx_seq_align_end_ins_code 
_struct_ref_seq.pdbx_db_accession 
_struct_ref_seq.db_align_beg 
_struct_ref_seq.pdbx_db_align_beg_ins_code 
_struct_ref_seq.db_align_end 
_struct_ref_seq.pdbx_db_align_end_ins_code 
_struct_ref_seq.pdbx_auth_seq_align_beg 
_struct_ref_seq.pdbx_auth_seq_align_end 
1 1 275D A 1 ? 6 ? 275D 1 ? 6  ? 1 6  
2 1 275D B 1 ? 6 ? 275D 7 ? 12 ? 7 12 
# 
_pdbx_struct_assembly.id                   1 
_pdbx_struct_assembly.details              author_defined_assembly 
_pdbx_struct_assembly.method_details       ? 
_pdbx_struct_assembly.oligomeric_details   dimeric 
_pdbx_struct_assembly.oligomeric_count     2 
# 
_pdbx_struct_assembly_gen.assembly_id       1 
_pdbx_struct_assembly_gen.oper_expression   1 
_pdbx_struct_assembly_gen.asym_id_list      A,B,C,D 
# 
_pdbx_struct_oper_list.id                   1 
_pdbx_struct_oper_list.type                 'identity operation' 
_pdbx_struct_oper_list.name                 1_555 
_pdbx_struct_oper_list.symmetry_operation   x,y,z 
_pdbx_struct_oper_list.matrix[1][1]         1.0000000000 
_pdbx_struct_oper_list.matrix[1][2]         0.0000000000 
_pdbx_struct_oper_list.matrix[1][3]         0.0000000000 
_pdbx_struct_oper_list.vector[1]            0.0000000000 
_pdbx_struct_oper_list.matrix[2][1]         0.0000000000 
_pdbx_struct_oper_list.matrix[2][2]         1.0000000000 
_pdbx_struct_oper_list.matrix[2][3]         0.0000000000 
_pdbx_struct_oper_list.vector[2]            0.0000000000 
_pdbx_struct_oper_list.matrix[3][1]         0.0000000000 
_pdbx_struct_oper_list.matrix[3][2]         0.0000000000 
_pdbx_struct_oper_list.matrix[3][3]         1.0000000000 
_pdbx_struct_oper_list.vector[3]            0.0000000000 
# 
_struct_biol.id                    1 
_struct_biol.pdbx_parent_biol_id   ? 
_struct_biol.details               ? 
# 
loop_
_struct_conn.id 
_struct_conn.conn_type_id 
_struct_conn.pdbx_leaving_atom_flag 
_struct_conn.pdbx_PDB_id 
_struct_conn.ptnr1_label_asym_id 
_struct_conn.ptnr1_label_comp_id 
_struct_conn.ptnr1_label_seq_id 
_struct_conn.ptnr1_label_atom_id 
_struct_conn.pdbx_ptnr1_label_alt_id 
_struct_conn.pdbx_ptnr1_PDB_ins_code 
_struct_conn.pdbx_ptnr1_standard_comp_id 
_struct_conn.ptnr1_symmetry 
_struct_conn.ptnr2_label_asym_id 
_struct_conn.ptnr2_label_comp_id 
_struct_conn.ptnr2_label_seq_id 
_struct_conn.ptnr2_label_atom_id 
_struct_conn.pdbx_ptnr2_label_alt_id 
_struct_conn.pdbx_ptnr2_PDB_ins_code 
_struct_conn.ptnr1_auth_asym_id 
_struct_conn.ptnr1_auth_comp_id 
_struct_conn.ptnr1_auth_seq_id 
_struct_conn.ptnr2_auth_asym_id 
_struct_conn.ptnr2_auth_comp_id 
_struct_conn.ptnr2_auth_seq_id 
_struct_conn.ptnr2_symmetry 
_struct_conn.pdbx_ptnr3_label_atom_id 
_struct_conn.pdbx_ptnr3_label_seq_id 
_struct_conn.pdbx_ptnr3_label_comp_id 
_struct_conn.pdbx_ptnr3_label_asym_id 
_struct_conn.pdbx_ptnr3_label_alt_id 
_struct_conn.pdbx_ptnr3_PDB_ins_code 
_struct_conn.details 
_struct_conn.pdbx_dist_value 
_struct_conn.pdbx_value_order 
_struct_conn.pdbx_role 
covale1  covale both ? A DG  1 "O3'" ? ? ? 1_555 A 5CM 2 P  ? ? A DG  1 A 5CM 2  1_555 ? ? ? ? ? ? ?            1.616 ? ? 
covale2  covale both ? A 5CM 2 "O3'" ? ? ? 1_555 A DC  3 P  ? ? A 5CM 2 A DC  3  1_555 ? ? ? ? ? ? ?            1.599 ? ? 
covale3  covale both ? B DG  1 "O3'" ? ? ? 1_555 B 5CM 2 P  ? ? B DG  7 B 5CM 8  1_555 ? ? ? ? ? ? ?            1.646 ? ? 
covale4  covale both ? B 5CM 2 "O3'" ? ? ? 1_555 B DC  3 P  ? ? B 5CM 8 B DC  9  1_555 ? ? ? ? ? ? ?            1.690 ? ? 
hydrog1  hydrog ?    ? A DG  1 N1    ? ? ? 1_555 B DC  6 N3 ? ? A DG  1 B DC  12 1_555 ? ? ? ? ? ? WATSON-CRICK ?     ? ? 
hydrog2  hydrog ?    ? A DG  1 N2    ? ? ? 1_555 B DC  6 O2 ? ? A DG  1 B DC  12 1_555 ? ? ? ? ? ? WATSON-CRICK ?     ? ? 
hydrog3  hydrog ?    ? A DG  1 O6    ? ? ? 1_555 B DC  6 N4 ? ? A DG  1 B DC  12 1_555 ? ? ? ? ? ? WATSON-CRICK ?     ? ? 
hydrog4  hydrog ?    ? A 5CM 2 N3    ? ? ? 1_555 B DG  5 N1 ? ? A 5CM 2 B DG  11 1_555 ? ? ? ? ? ? WATSON-CRICK ?     ? ? 
hydrog5  hydrog ?    ? A 5CM 2 N4    ? ? ? 1_555 B DG  5 O6 ? ? A 5CM 2 B DG  11 1_555 ? ? ? ? ? ? WATSON-CRICK ?     ? ? 
hydrog6  hydrog ?    ? A 5CM 2 O2    ? ? ? 1_555 B DG  5 N2 ? ? A 5CM 2 B DG  11 1_555 ? ? ? ? ? ? WATSON-CRICK ?     ? ? 
hydrog7  hydrog ?    ? A DC  3 N3    ? ? ? 1_555 B DG  4 N1 ? ? A DC  3 B DG  10 1_555 ? ? ? ? ? ? WATSON-CRICK ?     ? ? 
hydrog8  hydrog ?    ? A DC  3 N4    ? ? ? 1_555 B DG  4 O6 ? ? A DC  3 B DG  10 1_555 ? ? ? ? ? ? WATSON-CRICK ?     ? ? 
hydrog9  hydrog ?    ? A DC  3 O2    ? ? ? 1_555 B DG  4 N2 ? ? A DC  3 B DG  10 1_555 ? ? ? ? ? ? WATSON-CRICK ?     ? ? 
hydrog10 hydrog ?    ? A DG  4 N1    ? ? ? 1_555 B DC  3 N3 ? ? A DG  4 B DC  9  1_555 ? ? ? ? ? ? WATSON-CRICK ?     ? ? 
hydrog11 hydrog ?    ? A DG  4 N2    ? ? ? 1_555 B DC  3 O2 ? ? A DG  4 B DC  9  1_555 ? ? ? ? ? ? WATSON-CRICK ?     ? ? 
hydrog12 hydrog ?    ? A DG  4 O6    ? ? ? 1_555 B DC  3 N4 ? ? A DG  4 B DC  9  1_555 ? ? ? ? ? ? WATSON-CRICK ?     ? ? 
hydrog13 hydrog ?    ? A DG  5 N1    ? ? ? 1_555 B 5CM 2 N3 ? ? A DG  5 B 5CM 8  1_555 ? ? ? ? ? ? WATSON-CRICK ?     ? ? 
hydrog14 hydrog ?    ? A DG  5 N2    ? ? ? 1_555 B 5CM 2 O2 ? ? A DG  5 B 5CM 8  1_555 ? ? ? ? ? ? WATSON-CRICK ?     ? ? 
hydrog15 hydrog ?    ? A DG  5 O6    ? ? ? 1_555 B 5CM 2 N4 ? ? A DG  5 B 5CM 8  1_555 ? ? ? ? ? ? WATSON-CRICK ?     ? ? 
hydrog16 hydrog ?    ? A DC  6 N3    ? ? ? 1_555 B DG  1 N1 ? ? A DC  6 B DG  7  1_555 ? ? ? ? ? ? WATSON-CRICK ?     ? ? 
hydrog17 hydrog ?    ? A DC  6 N4    ? ? ? 1_555 B DG  1 O6 ? ? A DC  6 B DG  7  1_555 ? ? ? ? ? ? WATSON-CRICK ?     ? ? 
hydrog18 hydrog ?    ? A DC  6 O2    ? ? ? 1_555 B DG  1 N2 ? ? A DC  6 B DG  7  1_555 ? ? ? ? ? ? WATSON-CRICK ?     ? ? 
# 
loop_
_struct_conn_type.id 
_struct_conn_type.criteria 
_struct_conn_type.reference 
covale ? ? 
hydrog ? ? 
# 
loop_
_pdbx_validate_rmsd_bond.id 
_pdbx_validate_rmsd_bond.PDB_model_num 
_pdbx_validate_rmsd_bond.auth_atom_id_1 
_pdbx_validate_rmsd_bond.auth_asym_id_1 
_pdbx_validate_rmsd_bond.auth_comp_id_1 
_pdbx_validate_rmsd_bond.auth_seq_id_1 
_pdbx_validate_rmsd_bond.PDB_ins_code_1 
_pdbx_validate_rmsd_bond.label_alt_id_1 
_pdbx_validate_rmsd_bond.auth_atom_id_2 
_pdbx_validate_rmsd_bond.auth_asym_id_2 
_pdbx_validate_rmsd_bond.auth_comp_id_2 
_pdbx_validate_rmsd_bond.auth_seq_id_2 
_pdbx_validate_rmsd_bond.PDB_ins_code_2 
_pdbx_validate_rmsd_bond.label_alt_id_2 
_pdbx_validate_rmsd_bond.bond_value 
_pdbx_validate_rmsd_bond.bond_target_value 
_pdbx_validate_rmsd_bond.bond_deviation 
_pdbx_validate_rmsd_bond.bond_standard_deviation 
_pdbx_validate_rmsd_bond.linker_flag 
1  1 C6    A DG  1  ? ? N1    A DG 1  ? ? 1.344 1.391 -0.047 0.007 N 
2  1 "C4'" A DG  5  ? ? "C3'" A DG 5  ? ? 1.460 1.521 -0.061 0.010 N 
3  1 C6    A DG  5  ? ? N1    A DG 5  ? ? 1.333 1.391 -0.058 0.007 N 
4  1 C6    B DG  7  ? ? N1    B DG 7  ? ? 1.316 1.391 -0.075 0.007 N 
5  1 "O3'" B 5CM 8  ? ? P     B DC 9  ? ? 1.690 1.607 0.083  0.012 Y 
6  1 C6    B DG  10 ? ? N1    B DG 10 ? ? 1.337 1.391 -0.054 0.007 N 
7  1 P     B DG  11 ? ? "O5'" B DG 11 ? ? 1.655 1.593 0.062  0.010 N 
8  1 "C3'" B DG  11 ? ? "C2'" B DG 11 ? ? 1.467 1.516 -0.049 0.008 N 
9  1 N1    B DG  11 ? ? C2    B DG 11 ? ? 1.322 1.373 -0.051 0.008 N 
10 1 "O3'" B DG  11 ? ? P     B DC 12 ? ? 1.692 1.607 0.085  0.012 Y 
# 
loop_
_pdbx_validate_rmsd_angle.id 
_pdbx_validate_rmsd_angle.PDB_model_num 
_pdbx_validate_rmsd_angle.auth_atom_id_1 
_pdbx_validate_rmsd_angle.auth_asym_id_1 
_pdbx_validate_rmsd_angle.auth_comp_id_1 
_pdbx_validate_rmsd_angle.auth_seq_id_1 
_pdbx_validate_rmsd_angle.PDB_ins_code_1 
_pdbx_validate_rmsd_angle.label_alt_id_1 
_pdbx_validate_rmsd_angle.auth_atom_id_2 
_pdbx_validate_rmsd_angle.auth_asym_id_2 
_pdbx_validate_rmsd_angle.auth_comp_id_2 
_pdbx_validate_rmsd_angle.auth_seq_id_2 
_pdbx_validate_rmsd_angle.PDB_ins_code_2 
_pdbx_validate_rmsd_angle.label_alt_id_2 
_pdbx_validate_rmsd_angle.auth_atom_id_3 
_pdbx_validate_rmsd_angle.auth_asym_id_3 
_pdbx_validate_rmsd_angle.auth_comp_id_3 
_pdbx_validate_rmsd_angle.auth_seq_id_3 
_pdbx_validate_rmsd_angle.PDB_ins_code_3 
_pdbx_validate_rmsd_angle.label_alt_id_3 
_pdbx_validate_rmsd_angle.angle_value 
_pdbx_validate_rmsd_angle.angle_target_value 
_pdbx_validate_rmsd_angle.angle_deviation 
_pdbx_validate_rmsd_angle.angle_standard_deviation 
_pdbx_validate_rmsd_angle.linker_flag 
1  1 "C5'" A DG 1  ? ? "C4'" A DG 1  ? ? "O4'" A DG  1  ? ? 120.21 109.80 10.41 1.10 N 
2  1 "O4'" A DG 1  ? ? "C1'" A DG 1  ? ? N9    A DG  1  ? ? 111.48 108.30 3.18  0.30 N 
3  1 N1    A DG 1  ? ? C6    A DG 1  ? ? O6    A DG  1  ? ? 114.07 119.90 -5.83 0.60 N 
4  1 C5    A DG 1  ? ? C6    A DG 1  ? ? O6    A DG  1  ? ? 132.49 128.60 3.89  0.60 N 
5  1 "O4'" A DC 3  ? ? "C1'" A DC 3  ? ? N1    A DC  3  ? ? 110.12 108.30 1.82  0.30 N 
6  1 N1    A DC 3  ? ? C2    A DC 3  ? ? O2    A DC  3  ? ? 123.06 118.90 4.16  0.60 N 
7  1 "O4'" A DG 4  ? ? "C1'" A DG 4  ? ? "C2'" A DG  4  ? ? 110.86 106.80 4.06  0.50 N 
8  1 "O4'" A DG 4  ? ? "C1'" A DG 4  ? ? N9    A DG  4  ? ? 111.09 108.30 2.79  0.30 N 
9  1 N9    A DG 4  ? ? C4    A DG 4  ? ? C5    A DG  4  ? ? 108.42 105.40 3.02  0.40 N 
10 1 N1    A DG 4  ? ? C2    A DG 4  ? ? N2    A DG  4  ? ? 122.34 116.20 6.14  0.90 N 
11 1 N3    A DG 4  ? ? C2    A DG 4  ? ? N2    A DG  4  ? ? 112.20 119.90 -7.70 0.70 N 
12 1 "O4'" A DG 5  ? ? "C4'" A DG 5  ? ? "C3'" A DG  5  ? ? 101.77 104.50 -2.73 0.40 N 
13 1 N1    A DG 5  ? ? C6    A DG 5  ? ? O6    A DG  5  ? ? 113.75 119.90 -6.15 0.60 N 
14 1 C5    A DG 5  ? ? C6    A DG 5  ? ? O6    A DG  5  ? ? 133.62 128.60 5.02  0.60 N 
15 1 "O5'" A DC 6  ? ? "C5'" A DC 6  ? ? "C4'" A DC  6  ? ? 103.76 109.40 -5.64 0.80 N 
16 1 "O4'" B DG 7  ? ? "C1'" B DG 7  ? ? N9    B DG  7  ? ? 110.78 108.30 2.48  0.30 N 
17 1 C5    B DG 7  ? ? N7    B DG 7  ? ? C8    B DG  7  ? ? 100.97 104.30 -3.33 0.50 N 
18 1 N7    B DG 7  ? ? C8    B DG 7  ? ? N9    B DG  7  ? ? 116.81 113.10 3.71  0.50 N 
19 1 C8    B DG 7  ? ? N9    B DG 7  ? ? C4    B DG  7  ? ? 103.61 106.40 -2.79 0.40 N 
20 1 N1    B DG 7  ? ? C6    B DG 7  ? ? O6    B DG  7  ? ? 115.50 119.90 -4.40 0.60 N 
21 1 "C3'" B DG 7  ? ? "O3'" B DG 7  ? ? P     B 5CM 8  ? ? 129.56 119.70 9.86  1.20 Y 
22 1 "O4'" B DC 9  ? ? "C1'" B DC 9  ? ? N1    B DC  9  ? ? 111.69 108.30 3.39  0.30 N 
23 1 N1    B DC 9  ? ? C2    B DC 9  ? ? O2    B DC  9  ? ? 123.70 118.90 4.80  0.60 N 
24 1 N3    B DC 9  ? ? C2    B DC 9  ? ? O2    B DC  9  ? ? 117.49 121.90 -4.41 0.70 N 
25 1 "O4'" B DG 10 ? ? "C1'" B DG 10 ? ? N9    B DG  10 ? ? 113.30 108.30 5.00  0.30 N 
26 1 N3    B DG 10 ? ? C2    B DG 10 ? ? N2    B DG  10 ? ? 115.61 119.90 -4.29 0.70 N 
27 1 "O4'" B DG 11 ? ? "C4'" B DG 11 ? ? "C3'" B DG  11 ? ? 100.09 104.50 -4.41 0.40 N 
28 1 N1    B DG 11 ? ? C6    B DG 11 ? ? O6    B DG  11 ? ? 112.36 119.90 -7.54 0.60 N 
29 1 C5    B DG 11 ? ? C6    B DG 11 ? ? O6    B DG  11 ? ? 134.40 128.60 5.80  0.60 N 
30 1 "O5'" B DC 12 ? ? "C5'" B DC 12 ? ? "C4'" B DC  12 ? ? 103.34 109.40 -6.06 0.80 N 
# 
loop_
_pdbx_validate_planes.id 
_pdbx_validate_planes.PDB_model_num 
_pdbx_validate_planes.auth_comp_id 
_pdbx_validate_planes.auth_asym_id 
_pdbx_validate_planes.auth_seq_id 
_pdbx_validate_planes.PDB_ins_code 
_pdbx_validate_planes.label_alt_id 
_pdbx_validate_planes.rmsd 
_pdbx_validate_planes.type 
1 1 DG A 4  ? ? 0.069 'SIDE CHAIN' 
2 1 DG B 10 ? ? 0.054 'SIDE CHAIN' 
# 
loop_
_pdbx_struct_mod_residue.id 
_pdbx_struct_mod_residue.label_asym_id 
_pdbx_struct_mod_residue.label_comp_id 
_pdbx_struct_mod_residue.label_seq_id 
_pdbx_struct_mod_residue.auth_asym_id 
_pdbx_struct_mod_residue.auth_comp_id 
_pdbx_struct_mod_residue.auth_seq_id 
_pdbx_struct_mod_residue.PDB_ins_code 
_pdbx_struct_mod_residue.parent_comp_id 
_pdbx_struct_mod_residue.details 
1 A 5CM 2 A 5CM 2 ? DC ? 
2 B 5CM 2 B 5CM 8 ? DC ? 
# 
_pdbx_struct_special_symmetry.id              1 
_pdbx_struct_special_symmetry.PDB_model_num   1 
_pdbx_struct_special_symmetry.auth_asym_id    B 
_pdbx_struct_special_symmetry.auth_comp_id    HOH 
_pdbx_struct_special_symmetry.auth_seq_id     33 
_pdbx_struct_special_symmetry.PDB_ins_code    ? 
_pdbx_struct_special_symmetry.label_asym_id   D 
_pdbx_struct_special_symmetry.label_comp_id   HOH 
_pdbx_struct_special_symmetry.label_seq_id    . 
# 
loop_
_refine_B_iso.class 
_refine_B_iso.details 
_refine_B_iso.treatment 
_refine_B_iso.pdbx_refine_id 
'ALL ATOMS'  TR isotropic 'X-RAY DIFFRACTION' 
'ALL WATERS' TR isotropic 'X-RAY DIFFRACTION' 
# 
loop_
_refine_occupancy.class 
_refine_occupancy.treatment 
_refine_occupancy.pdbx_refine_id 
'ALL ATOMS'  fix 'X-RAY DIFFRACTION' 
'ALL WATERS' fix 'X-RAY DIFFRACTION' 
# 
loop_
_chem_comp_atom.comp_id 
_chem_comp_atom.atom_id 
_chem_comp_atom.type_symbol 
_chem_comp_atom.pdbx_aromatic_flag 
_chem_comp_atom.pdbx_stereo_config 
_chem_comp_atom.pdbx_ordinal 
5CM N1     N N N 1   
5CM C2     C N N 2   
5CM N3     N N N 3   
5CM C4     C N N 4   
5CM C5     C N N 5   
5CM C5A    C N N 6   
5CM C6     C N N 7   
5CM O2     O N N 8   
5CM N4     N N N 9   
5CM "C1'"  C N R 10  
5CM "C2'"  C N N 11  
5CM "C3'"  C N S 12  
5CM "C4'"  C N R 13  
5CM "O4'"  O N N 14  
5CM "O3'"  O N N 15  
5CM "C5'"  C N N 16  
5CM "O5'"  O N N 17  
5CM P      P N N 18  
5CM OP1    O N N 19  
5CM OP2    O N N 20  
5CM OP3    O N N 21  
5CM H5A1   H N N 22  
5CM H5A2   H N N 23  
5CM H5A3   H N N 24  
5CM H6     H N N 25  
5CM HN41   H N N 26  
5CM HN42   H N N 27  
5CM "H1'"  H N N 28  
5CM "H2'"  H N N 29  
5CM "H2''" H N N 30  
5CM "H3'"  H N N 31  
5CM "H4'"  H N N 32  
5CM "HO3'" H N N 33  
5CM "H5'"  H N N 34  
5CM "H5''" H N N 35  
5CM HOP2   H N N 36  
5CM HOP3   H N N 37  
DC  OP3    O N N 38  
DC  P      P N N 39  
DC  OP1    O N N 40  
DC  OP2    O N N 41  
DC  "O5'"  O N N 42  
DC  "C5'"  C N N 43  
DC  "C4'"  C N R 44  
DC  "O4'"  O N N 45  
DC  "C3'"  C N S 46  
DC  "O3'"  O N N 47  
DC  "C2'"  C N N 48  
DC  "C1'"  C N R 49  
DC  N1     N N N 50  
DC  C2     C N N 51  
DC  O2     O N N 52  
DC  N3     N N N 53  
DC  C4     C N N 54  
DC  N4     N N N 55  
DC  C5     C N N 56  
DC  C6     C N N 57  
DC  HOP3   H N N 58  
DC  HOP2   H N N 59  
DC  "H5'"  H N N 60  
DC  "H5''" H N N 61  
DC  "H4'"  H N N 62  
DC  "H3'"  H N N 63  
DC  "HO3'" H N N 64  
DC  "H2'"  H N N 65  
DC  "H2''" H N N 66  
DC  "H1'"  H N N 67  
DC  H41    H N N 68  
DC  H42    H N N 69  
DC  H5     H N N 70  
DC  H6     H N N 71  
DG  OP3    O N N 72  
DG  P      P N N 73  
DG  OP1    O N N 74  
DG  OP2    O N N 75  
DG  "O5'"  O N N 76  
DG  "C5'"  C N N 77  
DG  "C4'"  C N R 78  
DG  "O4'"  O N N 79  
DG  "C3'"  C N S 80  
DG  "O3'"  O N N 81  
DG  "C2'"  C N N 82  
DG  "C1'"  C N R 83  
DG  N9     N Y N 84  
DG  C8     C Y N 85  
DG  N7     N Y N 86  
DG  C5     C Y N 87  
DG  C6     C N N 88  
DG  O6     O N N 89  
DG  N1     N N N 90  
DG  C2     C N N 91  
DG  N2     N N N 92  
DG  N3     N N N 93  
DG  C4     C Y N 94  
DG  HOP3   H N N 95  
DG  HOP2   H N N 96  
DG  "H5'"  H N N 97  
DG  "H5''" H N N 98  
DG  "H4'"  H N N 99  
DG  "H3'"  H N N 100 
DG  "HO3'" H N N 101 
DG  "H2'"  H N N 102 
DG  "H2''" H N N 103 
DG  "H1'"  H N N 104 
DG  H8     H N N 105 
DG  H1     H N N 106 
DG  H21    H N N 107 
DG  H22    H N N 108 
HOH O      O N N 109 
HOH H1     H N N 110 
HOH H2     H N N 111 
# 
loop_
_chem_comp_bond.comp_id 
_chem_comp_bond.atom_id_1 
_chem_comp_bond.atom_id_2 
_chem_comp_bond.value_order 
_chem_comp_bond.pdbx_aromatic_flag 
_chem_comp_bond.pdbx_stereo_config 
_chem_comp_bond.pdbx_ordinal 
5CM N1    C2     sing N N 1   
5CM N1    C6     sing N N 2   
5CM N1    "C1'"  sing N N 3   
5CM C2    N3     sing N N 4   
5CM C2    O2     doub N N 5   
5CM N3    C4     doub N N 6   
5CM C4    C5     sing N N 7   
5CM C4    N4     sing N N 8   
5CM C5    C5A    sing N N 9   
5CM C5    C6     doub N N 10  
5CM C5A   H5A1   sing N N 11  
5CM C5A   H5A2   sing N N 12  
5CM C5A   H5A3   sing N N 13  
5CM C6    H6     sing N N 14  
5CM N4    HN41   sing N N 15  
5CM N4    HN42   sing N N 16  
5CM "C1'" "C2'"  sing N N 17  
5CM "C1'" "O4'"  sing N N 18  
5CM "C1'" "H1'"  sing N N 19  
5CM "C2'" "C3'"  sing N N 20  
5CM "C2'" "H2'"  sing N N 21  
5CM "C2'" "H2''" sing N N 22  
5CM "C3'" "C4'"  sing N N 23  
5CM "C3'" "O3'"  sing N N 24  
5CM "C3'" "H3'"  sing N N 25  
5CM "C4'" "O4'"  sing N N 26  
5CM "C4'" "C5'"  sing N N 27  
5CM "C4'" "H4'"  sing N N 28  
5CM "O3'" "HO3'" sing N N 29  
5CM "C5'" "O5'"  sing N N 30  
5CM "C5'" "H5'"  sing N N 31  
5CM "C5'" "H5''" sing N N 32  
5CM "O5'" P      sing N N 33  
5CM P     OP1    doub N N 34  
5CM P     OP2    sing N N 35  
5CM P     OP3    sing N N 36  
5CM OP2   HOP2   sing N N 37  
5CM OP3   HOP3   sing N N 38  
DC  OP3   P      sing N N 39  
DC  OP3   HOP3   sing N N 40  
DC  P     OP1    doub N N 41  
DC  P     OP2    sing N N 42  
DC  P     "O5'"  sing N N 43  
DC  OP2   HOP2   sing N N 44  
DC  "O5'" "C5'"  sing N N 45  
DC  "C5'" "C4'"  sing N N 46  
DC  "C5'" "H5'"  sing N N 47  
DC  "C5'" "H5''" sing N N 48  
DC  "C4'" "O4'"  sing N N 49  
DC  "C4'" "C3'"  sing N N 50  
DC  "C4'" "H4'"  sing N N 51  
DC  "O4'" "C1'"  sing N N 52  
DC  "C3'" "O3'"  sing N N 53  
DC  "C3'" "C2'"  sing N N 54  
DC  "C3'" "H3'"  sing N N 55  
DC  "O3'" "HO3'" sing N N 56  
DC  "C2'" "C1'"  sing N N 57  
DC  "C2'" "H2'"  sing N N 58  
DC  "C2'" "H2''" sing N N 59  
DC  "C1'" N1     sing N N 60  
DC  "C1'" "H1'"  sing N N 61  
DC  N1    C2     sing N N 62  
DC  N1    C6     sing N N 63  
DC  C2    O2     doub N N 64  
DC  C2    N3     sing N N 65  
DC  N3    C4     doub N N 66  
DC  C4    N4     sing N N 67  
DC  C4    C5     sing N N 68  
DC  N4    H41    sing N N 69  
DC  N4    H42    sing N N 70  
DC  C5    C6     doub N N 71  
DC  C5    H5     sing N N 72  
DC  C6    H6     sing N N 73  
DG  OP3   P      sing N N 74  
DG  OP3   HOP3   sing N N 75  
DG  P     OP1    doub N N 76  
DG  P     OP2    sing N N 77  
DG  P     "O5'"  sing N N 78  
DG  OP2   HOP2   sing N N 79  
DG  "O5'" "C5'"  sing N N 80  
DG  "C5'" "C4'"  sing N N 81  
DG  "C5'" "H5'"  sing N N 82  
DG  "C5'" "H5''" sing N N 83  
DG  "C4'" "O4'"  sing N N 84  
DG  "C4'" "C3'"  sing N N 85  
DG  "C4'" "H4'"  sing N N 86  
DG  "O4'" "C1'"  sing N N 87  
DG  "C3'" "O3'"  sing N N 88  
DG  "C3'" "C2'"  sing N N 89  
DG  "C3'" "H3'"  sing N N 90  
DG  "O3'" "HO3'" sing N N 91  
DG  "C2'" "C1'"  sing N N 92  
DG  "C2'" "H2'"  sing N N 93  
DG  "C2'" "H2''" sing N N 94  
DG  "C1'" N9     sing N N 95  
DG  "C1'" "H1'"  sing N N 96  
DG  N9    C8     sing Y N 97  
DG  N9    C4     sing Y N 98  
DG  C8    N7     doub Y N 99  
DG  C8    H8     sing N N 100 
DG  N7    C5     sing Y N 101 
DG  C5    C6     sing N N 102 
DG  C5    C4     doub Y N 103 
DG  C6    O6     doub N N 104 
DG  C6    N1     sing N N 105 
DG  N1    C2     sing N N 106 
DG  N1    H1     sing N N 107 
DG  C2    N2     sing N N 108 
DG  C2    N3     doub N N 109 
DG  N2    H21    sing N N 110 
DG  N2    H22    sing N N 111 
DG  N3    C4     sing N N 112 
HOH O     H1     sing N N 113 
HOH O     H2     sing N N 114 
# 
_ndb_struct_conf_na.entry_id   275D 
_ndb_struct_conf_na.feature    'a-form double helix' 
# 
loop_
_ndb_struct_na_base_pair.model_number 
_ndb_struct_na_base_pair.i_label_asym_id 
_ndb_struct_na_base_pair.i_label_comp_id 
_ndb_struct_na_base_pair.i_label_seq_id 
_ndb_struct_na_base_pair.i_symmetry 
_ndb_struct_na_base_pair.j_label_asym_id 
_ndb_struct_na_base_pair.j_label_comp_id 
_ndb_struct_na_base_pair.j_label_seq_id 
_ndb_struct_na_base_pair.j_symmetry 
_ndb_struct_na_base_pair.shear 
_ndb_struct_na_base_pair.stretch 
_ndb_struct_na_base_pair.stagger 
_ndb_struct_na_base_pair.buckle 
_ndb_struct_na_base_pair.propeller 
_ndb_struct_na_base_pair.opening 
_ndb_struct_na_base_pair.pair_number 
_ndb_struct_na_base_pair.pair_name 
_ndb_struct_na_base_pair.i_auth_asym_id 
_ndb_struct_na_base_pair.i_auth_seq_id 
_ndb_struct_na_base_pair.i_PDB_ins_code 
_ndb_struct_na_base_pair.j_auth_asym_id 
_ndb_struct_na_base_pair.j_auth_seq_id 
_ndb_struct_na_base_pair.j_PDB_ins_code 
_ndb_struct_na_base_pair.hbond_type_28 
_ndb_struct_na_base_pair.hbond_type_12 
1 A DG  1 1_555 B DC  6 1_555 0.033  0.140  0.257  -4.126 2.765   0.425  1 A_DG1:DC12_B  A 1 ? B 12 ? 19 1 
1 A 5CM 2 1_555 B DG  5 1_555 0.493  0.035  -0.114 9.430  -10.318 -0.670 2 A_5CM2:DG11_B A 2 ? B 11 ? 19 1 
1 A DC  3 1_555 B DG  4 1_555 0.684  -0.123 0.137  5.103  -17.814 3.205  3 A_DC3:DG10_B  A 3 ? B 10 ? 19 1 
1 A DG  4 1_555 B DC  3 1_555 -0.257 -0.139 0.080  1.695  -9.922  5.035  4 A_DG4:DC9_B   A 4 ? B 9  ? 19 1 
1 A DG  5 1_555 B 5CM 2 1_555 0.197  0.013  0.056  -5.061 -14.035 1.326  5 A_DG5:5CM8_B  A 5 ? B 8  ? 19 1 
1 A DC  6 1_555 B DG  1 1_555 0.765  -0.159 -0.066 10.247 -2.585  0.151  6 A_DC6:DG7_B   A 6 ? B 7  ? 19 1 
# 
loop_
_ndb_struct_na_base_pair_step.model_number 
_ndb_struct_na_base_pair_step.i_label_asym_id_1 
_ndb_struct_na_base_pair_step.i_label_comp_id_1 
_ndb_struct_na_base_pair_step.i_label_seq_id_1 
_ndb_struct_na_base_pair_step.i_symmetry_1 
_ndb_struct_na_base_pair_step.j_label_asym_id_1 
_ndb_struct_na_base_pair_step.j_label_comp_id_1 
_ndb_struct_na_base_pair_step.j_label_seq_id_1 
_ndb_struct_na_base_pair_step.j_symmetry_1 
_ndb_struct_na_base_pair_step.i_label_asym_id_2 
_ndb_struct_na_base_pair_step.i_label_comp_id_2 
_ndb_struct_na_base_pair_step.i_label_seq_id_2 
_ndb_struct_na_base_pair_step.i_symmetry_2 
_ndb_struct_na_base_pair_step.j_label_asym_id_2 
_ndb_struct_na_base_pair_step.j_label_comp_id_2 
_ndb_struct_na_base_pair_step.j_label_seq_id_2 
_ndb_struct_na_base_pair_step.j_symmetry_2 
_ndb_struct_na_base_pair_step.shift 
_ndb_struct_na_base_pair_step.slide 
_ndb_struct_na_base_pair_step.rise 
_ndb_struct_na_base_pair_step.tilt 
_ndb_struct_na_base_pair_step.roll 
_ndb_struct_na_base_pair_step.twist 
_ndb_struct_na_base_pair_step.x_displacement 
_ndb_struct_na_base_pair_step.y_displacement 
_ndb_struct_na_base_pair_step.helical_rise 
_ndb_struct_na_base_pair_step.inclination 
_ndb_struct_na_base_pair_step.tip 
_ndb_struct_na_base_pair_step.helical_twist 
_ndb_struct_na_base_pair_step.step_number 
_ndb_struct_na_base_pair_step.step_name 
_ndb_struct_na_base_pair_step.i_auth_asym_id_1 
_ndb_struct_na_base_pair_step.i_auth_seq_id_1 
_ndb_struct_na_base_pair_step.i_PDB_ins_code_1 
_ndb_struct_na_base_pair_step.j_auth_asym_id_1 
_ndb_struct_na_base_pair_step.j_auth_seq_id_1 
_ndb_struct_na_base_pair_step.j_PDB_ins_code_1 
_ndb_struct_na_base_pair_step.i_auth_asym_id_2 
_ndb_struct_na_base_pair_step.i_auth_seq_id_2 
_ndb_struct_na_base_pair_step.i_PDB_ins_code_2 
_ndb_struct_na_base_pair_step.j_auth_asym_id_2 
_ndb_struct_na_base_pair_step.j_auth_seq_id_2 
_ndb_struct_na_base_pair_step.j_PDB_ins_code_2 
1 A DG  1 1_555 B DC  6 1_555 A 5CM 2 1_555 B DG  5 1_555 -0.724 -1.428 3.108 3.256  -0.161 33.153 -2.466 1.773  3.032 -0.281 
-5.689 33.308 1 AA_DG15CM2:DG11DC12_BB A 1 ? B 12 ? A 2 ? B 11 ? 
1 A 5CM 2 1_555 B DG  5 1_555 A DC  3 1_555 B DG  4 1_555 0.395  -1.789 3.347 -1.114 11.971 27.984 -5.603 -0.956 2.381 23.434 
2.181  30.410 2 AA_5CM2DC3:DG10DG11_BB A 2 ? B 11 ? A 3 ? B 10 ? 
1 A DC  3 1_555 B DG  4 1_555 A DG  4 1_555 B DC  3 1_555 0.096  -1.706 3.116 -0.891 19.337 27.383 -5.516 -0.284 1.594 35.737 
1.646  33.427 3 AA_DC3DG4:DC9DG10_BB   A 3 ? B 10 ? A 4 ? B 9  ? 
1 A DG  4 1_555 B DC  3 1_555 A DG  5 1_555 B 5CM 2 1_555 -0.657 -1.670 3.546 0.519  8.571  31.512 -4.486 1.260  2.989 15.426 
-0.934 32.632 4 AA_DG4DG5:5CM8DC9_BB   A 4 ? B 9  ? A 5 ? B 8  ? 
1 A DG  5 1_555 B 5CM 2 1_555 A DC  6 1_555 B DG  1 1_555 0.250  -1.265 2.937 0.096  7.254  32.604 -3.234 -0.421 2.604 12.725 
-0.168 33.380 5 AA_DG5DC6:DG75CM8_BB   A 5 ? B 8  ? A 6 ? B 7  ? 
# 
_atom_sites.entry_id                    275D 
_atom_sites.fract_transf_matrix[1][1]   0.00100071 
_atom_sites.fract_transf_matrix[1][2]   0.01247999 
_atom_sites.fract_transf_matrix[1][3]   -0.02245213 
_atom_sites.fract_transf_matrix[2][1]   0.01682613 
_atom_sites.fract_transf_matrix[2][2]   -0.01235512 
_atom_sites.fract_transf_matrix[2][3]   -0.00611762 
_atom_sites.fract_transf_matrix[3][1]   -0.01619934 
_atom_sites.fract_transf_matrix[3][2]   -0.01701969 
_atom_sites.fract_transf_matrix[3][3]   -0.01018239 
_atom_sites.fract_transf_vector[1]      0.261578 
_atom_sites.fract_transf_vector[2]      0.250271 
_atom_sites.fract_transf_vector[3]      0.008754 
# 
loop_
_atom_type.symbol 
C 
N 
O 
P 
# 
loop_
_atom_site.group_PDB 
_atom_site.id 
_atom_site.type_symbol 
_atom_site.label_atom_id 
_atom_site.label_alt_id 
_atom_site.label_comp_id 
_atom_site.label_asym_id 
_atom_site.label_entity_id 
_atom_site.label_seq_id 
_atom_site.pdbx_PDB_ins_code 
_atom_site.Cartn_x 
_atom_site.Cartn_y 
_atom_site.Cartn_z 
_atom_site.occupancy 
_atom_site.B_iso_or_equiv 
_atom_site.pdbx_formal_charge 
_atom_site.auth_seq_id 
_atom_site.auth_comp_id 
_atom_site.auth_asym_id 
_atom_site.auth_atom_id 
_atom_site.pdbx_PDB_model_num 
ATOM   1   O "O5'" . DG  A 1 1 ? -0.209  2.557   -11.486 1.00 20.91 ? 1  DG  A "O5'" 1 
ATOM   2   C "C5'" . DG  A 1 1 ? 0.674   3.212   -12.399 1.00 20.00 ? 1  DG  A "C5'" 1 
ATOM   3   C "C4'" . DG  A 1 1 ? 1.635   4.214   -11.748 1.00 19.07 ? 1  DG  A "C4'" 1 
ATOM   4   O "O4'" . DG  A 1 1 ? 1.153   5.522   -11.321 1.00 17.93 ? 1  DG  A "O4'" 1 
ATOM   5   C "C3'" . DG  A 1 1 ? 2.333   3.586   -10.581 1.00 19.32 ? 1  DG  A "C3'" 1 
ATOM   6   O "O3'" . DG  A 1 1 ? 3.385   2.794   -11.056 1.00 21.48 ? 1  DG  A "O3'" 1 
ATOM   7   C "C2'" . DG  A 1 1 ? 2.873   4.836   -9.934  1.00 18.74 ? 1  DG  A "C2'" 1 
ATOM   8   C "C1'" . DG  A 1 1 ? 1.744   5.808   -10.069 1.00 16.87 ? 1  DG  A "C1'" 1 
ATOM   9   N N9    . DG  A 1 1 ? 0.783   5.697   -8.991  1.00 15.13 ? 1  DG  A N9    1 
ATOM   10  C C8    . DG  A 1 1 ? -0.503  5.288   -9.051  1.00 14.15 ? 1  DG  A C8    1 
ATOM   11  N N7    . DG  A 1 1 ? -1.190  5.402   -7.952  1.00 14.89 ? 1  DG  A N7    1 
ATOM   12  C C5    . DG  A 1 1 ? -0.262  5.939   -7.066  1.00 14.62 ? 1  DG  A C5    1 
ATOM   13  C C6    . DG  A 1 1 ? -0.376  6.315   -5.681  1.00 15.28 ? 1  DG  A C6    1 
ATOM   14  O O6    . DG  A 1 1 ? -1.319  6.332   -4.908  1.00 15.23 ? 1  DG  A O6    1 
ATOM   15  N N1    . DG  A 1 1 ? 0.766   6.799   -5.164  1.00 14.82 ? 1  DG  A N1    1 
ATOM   16  C C2    . DG  A 1 1 ? 1.897   6.968   -5.849  1.00 14.34 ? 1  DG  A C2    1 
ATOM   17  N N2    . DG  A 1 1 ? 2.871   7.609   -5.199  1.00 12.83 ? 1  DG  A N2    1 
ATOM   18  N N3    . DG  A 1 1 ? 2.046   6.626   -7.145  1.00 15.18 ? 1  DG  A N3    1 
ATOM   19  C C4    . DG  A 1 1 ? 0.941   6.104   -7.695  1.00 15.10 ? 1  DG  A C4    1 
HETATM 20  N N1    . 5CM A 1 2 ? 4.435   4.200   -5.632  1.00 18.09 ? 2  5CM A N1    1 
HETATM 21  C C2    . 5CM A 1 2 ? 4.007   4.655   -4.376  1.00 18.10 ? 2  5CM A C2    1 
HETATM 22  N N3    . 5CM A 1 2 ? 2.729   4.376   -3.979  1.00 17.27 ? 2  5CM A N3    1 
HETATM 23  C C4    . 5CM A 1 2 ? 1.924   3.636   -4.780  1.00 17.72 ? 2  5CM A C4    1 
HETATM 24  C C5    . 5CM A 1 2 ? 2.391   3.053   -6.055  1.00 17.10 ? 2  5CM A C5    1 
HETATM 25  C C5A   . 5CM A 1 2 ? 1.486   2.089   -6.872  1.00 16.39 ? 2  5CM A C5A   1 
HETATM 26  C C6    . 5CM A 1 2 ? 3.637   3.412   -6.474  1.00 17.01 ? 2  5CM A C6    1 
HETATM 27  O O2    . 5CM A 1 2 ? 4.778   5.196   -3.575  1.00 17.93 ? 2  5CM A O2    1 
HETATM 28  N N4    . 5CM A 1 2 ? 0.656   3.454   -4.332  1.00 18.61 ? 2  5CM A N4    1 
HETATM 29  C "C1'" . 5CM A 1 2 ? 5.748   4.702   -6.035  1.00 19.35 ? 2  5CM A "C1'" 1 
HETATM 30  C "C2'" . 5CM A 1 2 ? 6.864   3.773   -5.642  1.00 20.27 ? 2  5CM A "C2'" 1 
HETATM 31  C "C3'" . 5CM A 1 2 ? 6.895   2.847   -6.831  1.00 19.83 ? 2  5CM A "C3'" 1 
HETATM 32  C "C4'" . 5CM A 1 2 ? 6.772   3.865   -7.975  1.00 21.13 ? 2  5CM A "C4'" 1 
HETATM 33  O "O4'" . 5CM A 1 2 ? 5.807   4.826   -7.473  1.00 20.73 ? 2  5CM A "O4'" 1 
HETATM 34  O "O3'" . 5CM A 1 2 ? 8.104   2.128   -6.863  1.00 19.54 ? 2  5CM A "O3'" 1 
HETATM 35  C "C5'" . 5CM A 1 2 ? 6.341   3.275   -9.321  1.00 21.58 ? 2  5CM A "C5'" 1 
HETATM 36  O "O5'" . 5CM A 1 2 ? 5.075   2.686   -9.071  1.00 22.46 ? 2  5CM A "O5'" 1 
HETATM 37  P P     . 5CM A 1 2 ? 4.256   1.840   -10.084 1.00 22.17 ? 2  5CM A P     1 
HETATM 38  O OP1   . 5CM A 1 2 ? 5.301   1.200   -10.905 1.00 22.30 ? 2  5CM A OP1   1 
HETATM 39  O OP2   . 5CM A 1 2 ? 3.318   1.030   -9.275  1.00 22.86 ? 2  5CM A OP2   1 
ATOM   40  P P     . DC  A 1 3 ? 8.234   0.700   -6.154  1.00 18.45 ? 3  DC  A P     1 
ATOM   41  O OP1   . DC  A 1 3 ? 9.677   0.387   -6.254  1.00 18.20 ? 3  DC  A OP1   1 
ATOM   42  O OP2   . DC  A 1 3 ? 7.167   -0.207  -6.655  1.00 18.42 ? 3  DC  A OP2   1 
ATOM   43  O "O5'" . DC  A 1 3 ? 7.925   0.882   -4.575  1.00 17.07 ? 3  DC  A "O5'" 1 
ATOM   44  C "C5'" . DC  A 1 3 ? 8.976   1.457   -3.790  1.00 15.83 ? 3  DC  A "C5'" 1 
ATOM   45  C "C4'" . DC  A 1 3 ? 8.426   1.816   -2.450  1.00 14.54 ? 3  DC  A "C4'" 1 
ATOM   46  O "O4'" . DC  A 1 3 ? 7.225   2.611   -2.633  1.00 14.63 ? 3  DC  A "O4'" 1 
ATOM   47  C "C3'" . DC  A 1 3 ? 8.014   0.663   -1.638  1.00 13.54 ? 3  DC  A "C3'" 1 
ATOM   48  O "O3'" . DC  A 1 3 ? 9.152   -0.120  -1.290  1.00 14.74 ? 3  DC  A "O3'" 1 
ATOM   49  C "C2'" . DC  A 1 3 ? 7.219   1.387   -0.584  1.00 13.10 ? 3  DC  A "C2'" 1 
ATOM   50  C "C1'" . DC  A 1 3 ? 6.430   2.395   -1.446  1.00 13.03 ? 3  DC  A "C1'" 1 
ATOM   51  N N1    . DC  A 1 3 ? 5.083   1.956   -1.814  1.00 12.27 ? 3  DC  A N1    1 
ATOM   52  C C2    . DC  A 1 3 ? 4.099   2.101   -0.853  1.00 12.52 ? 3  DC  A C2    1 
ATOM   53  O O2    . DC  A 1 3 ? 4.328   2.515   0.293   1.00 11.65 ? 3  DC  A O2    1 
ATOM   54  N N3    . DC  A 1 3 ? 2.829   1.689   -1.173  1.00 12.05 ? 3  DC  A N3    1 
ATOM   55  C C4    . DC  A 1 3 ? 2.551   1.132   -2.356  1.00 10.96 ? 3  DC  A C4    1 
ATOM   56  N N4    . DC  A 1 3 ? 1.301   0.737   -2.546  1.00 9.84  ? 3  DC  A N4    1 
ATOM   57  C C5    . DC  A 1 3 ? 3.574   0.990   -3.344  1.00 11.41 ? 3  DC  A C5    1 
ATOM   58  C C6    . DC  A 1 3 ? 4.818   1.410   -3.028  1.00 11.80 ? 3  DC  A C6    1 
ATOM   59  P P     . DG  A 1 4 ? 8.922   -1.603  -0.663  1.00 15.34 ? 4  DG  A P     1 
ATOM   60  O OP1   . DG  A 1 4 ? 10.271  -1.990  -0.195  1.00 16.65 ? 4  DG  A OP1   1 
ATOM   61  O OP2   . DG  A 1 4 ? 8.168   -2.481  -1.555  1.00 15.38 ? 4  DG  A OP2   1 
ATOM   62  O "O5'" . DG  A 1 4 ? 7.997   -1.424  0.648   1.00 14.92 ? 4  DG  A "O5'" 1 
ATOM   63  C "C5'" . DG  A 1 4 ? 8.545   -1.138  1.920   1.00 14.13 ? 4  DG  A "C5'" 1 
ATOM   64  C "C4'" . DG  A 1 4 ? 7.424   -1.329  2.861   1.00 14.43 ? 4  DG  A "C4'" 1 
ATOM   65  O "O4'" . DG  A 1 4 ? 6.406   -0.458  2.427   1.00 14.55 ? 4  DG  A "O4'" 1 
ATOM   66  C "C3'" . DG  A 1 4 ? 6.776   -2.719  2.846   1.00 15.00 ? 4  DG  A "C3'" 1 
ATOM   67  O "O3'" . DG  A 1 4 ? 7.503   -3.707  3.582   1.00 16.26 ? 4  DG  A "O3'" 1 
ATOM   68  C "C2'" . DG  A 1 4 ? 5.474   -2.396  3.517   1.00 14.55 ? 4  DG  A "C2'" 1 
ATOM   69  C "C1'" . DG  A 1 4 ? 5.190   -1.100  2.825   1.00 13.90 ? 4  DG  A "C1'" 1 
ATOM   70  N N9    . DG  A 1 4 ? 4.309   -1.284  1.701   1.00 12.72 ? 4  DG  A N9    1 
ATOM   71  C C8    . DG  A 1 4 ? 4.537   -1.321  0.366   1.00 12.46 ? 4  DG  A C8    1 
ATOM   72  N N7    . DG  A 1 4 ? 3.439   -1.372  -0.365  1.00 11.40 ? 4  DG  A N7    1 
ATOM   73  C C5    . DG  A 1 4 ? 2.423   -1.377  0.606   1.00 12.09 ? 4  DG  A C5    1 
ATOM   74  C C6    . DG  A 1 4 ? 0.959   -1.394  0.520   1.00 11.87 ? 4  DG  A C6    1 
ATOM   75  O O6    . DG  A 1 4 ? 0.213   -1.326  -0.451  1.00 12.89 ? 4  DG  A O6    1 
ATOM   76  N N1    . DG  A 1 4 ? 0.395   -1.439  1.754   1.00 10.59 ? 4  DG  A N1    1 
ATOM   77  C C2    . DG  A 1 4 ? 1.087   -1.450  2.913   1.00 9.50  ? 4  DG  A C2    1 
ATOM   78  N N2    . DG  A 1 4 ? 0.508   -1.573  4.063   1.00 8.57  ? 4  DG  A N2    1 
ATOM   79  N N3    . DG  A 1 4 ? 2.376   -1.376  3.020   1.00 11.16 ? 4  DG  A N3    1 
ATOM   80  C C4    . DG  A 1 4 ? 2.985   -1.357  1.842   1.00 12.06 ? 4  DG  A C4    1 
ATOM   81  P P     . DG  A 1 5 ? 7.233   -5.285  3.323   1.00 16.68 ? 5  DG  A P     1 
ATOM   82  O OP1   . DG  A 1 5 ? 8.333   -6.053  3.961   1.00 17.71 ? 5  DG  A OP1   1 
ATOM   83  O OP2   . DG  A 1 5 ? 6.923   -5.476  1.889   1.00 17.13 ? 5  DG  A OP2   1 
ATOM   84  O "O5'" . DG  A 1 5 ? 5.902   -5.582  4.181   1.00 16.35 ? 5  DG  A "O5'" 1 
ATOM   85  C "C5'" . DG  A 1 5 ? 5.862   -5.621  5.615   1.00 14.13 ? 5  DG  A "C5'" 1 
ATOM   86  C "C4'" . DG  A 1 5 ? 4.403   -5.855  6.023   1.00 12.40 ? 5  DG  A "C4'" 1 
ATOM   87  O "O4'" . DG  A 1 5 ? 3.613   -4.912  5.291   1.00 11.91 ? 5  DG  A "O4'" 1 
ATOM   88  C "C3'" . DG  A 1 5 ? 3.855   -7.126  5.559   1.00 11.75 ? 5  DG  A "C3'" 1 
ATOM   89  O "O3'" . DG  A 1 5 ? 4.292   -8.255  6.290   1.00 12.02 ? 5  DG  A "O3'" 1 
ATOM   90  C "C2'" . DG  A 1 5 ? 2.385   -6.836  5.599   1.00 11.39 ? 5  DG  A "C2'" 1 
ATOM   91  C "C1'" . DG  A 1 5 ? 2.318   -5.432  5.065   1.00 10.77 ? 5  DG  A "C1'" 1 
ATOM   92  N N9    . DG  A 1 5 ? 1.954   -5.252  3.665   1.00 8.78  ? 5  DG  A N9    1 
ATOM   93  C C8    . DG  A 1 5 ? 2.772   -5.107  2.589   1.00 9.14  ? 5  DG  A C8    1 
ATOM   94  N N7    . DG  A 1 5 ? 2.166   -4.980  1.423   1.00 8.54  ? 5  DG  A N7    1 
ATOM   95  C C5    . DG  A 1 5 ? 0.799   -5.065  1.797   1.00 8.35  ? 5  DG  A C5    1 
ATOM   96  C C6    . DG  A 1 5 ? -0.425  -5.025  1.001   1.00 7.36  ? 5  DG  A C6    1 
ATOM   97  O O6    . DG  A 1 5 ? -0.648  -4.937  -0.191  1.00 8.63  ? 5  DG  A O6    1 
ATOM   98  N N1    . DG  A 1 5 ? -1.524  -5.146  1.746   1.00 7.22  ? 5  DG  A N1    1 
ATOM   99  C C2    . DG  A 1 5 ? -1.520  -5.292  3.085   1.00 6.63  ? 5  DG  A C2    1 
ATOM   100 N N2    . DG  A 1 5 ? -2.699  -5.477  3.584   1.00 6.58  ? 5  DG  A N2    1 
ATOM   101 N N3    . DG  A 1 5 ? -0.441  -5.319  3.871   1.00 7.00  ? 5  DG  A N3    1 
ATOM   102 C C4    . DG  A 1 5 ? 0.692   -5.205  3.163   1.00 7.71  ? 5  DG  A C4    1 
ATOM   103 P P     . DC  A 1 6 ? 4.103   -9.761  5.589   1.00 12.20 ? 6  DC  A P     1 
ATOM   104 O OP1   . DC  A 1 6 ? 4.635   -10.815 6.508   1.00 12.66 ? 6  DC  A OP1   1 
ATOM   105 O OP2   . DC  A 1 6 ? 4.484   -9.767  4.141   1.00 10.71 ? 6  DC  A OP2   1 
ATOM   106 O "O5'" . DC  A 1 6 ? 2.472   -9.880  5.640   1.00 11.91 ? 6  DC  A "O5'" 1 
ATOM   107 C "C5'" . DC  A 1 6 ? 1.684   -10.278 6.743   1.00 11.39 ? 6  DC  A "C5'" 1 
ATOM   108 C "C4'" . DC  A 1 6 ? 0.298   -10.338 6.187   1.00 10.88 ? 6  DC  A "C4'" 1 
ATOM   109 O "O4'" . DC  A 1 6 ? 0.127   -9.197  5.254   1.00 10.47 ? 6  DC  A "O4'" 1 
ATOM   110 C "C3'" . DC  A 1 6 ? 0.005   -11.540 5.328   1.00 10.87 ? 6  DC  A "C3'" 1 
ATOM   111 O "O3'" . DC  A 1 6 ? -0.185  -12.744 6.082   1.00 12.09 ? 6  DC  A "O3'" 1 
ATOM   112 C "C2'" . DC  A 1 6 ? -1.197  -11.067 4.544   1.00 9.42  ? 6  DC  A "C2'" 1 
ATOM   113 C "C1'" . DC  A 1 6 ? -0.914  -9.571  4.332   1.00 9.49  ? 6  DC  A "C1'" 1 
ATOM   114 N N1    . DC  A 1 6 ? -0.540  -9.122  2.985   1.00 8.28  ? 6  DC  A N1    1 
ATOM   115 C C2    . DC  A 1 6 ? -1.538  -8.785  2.104   1.00 8.09  ? 6  DC  A C2    1 
ATOM   116 O O2    . DC  A 1 6 ? -2.718  -8.948  2.369   1.00 10.05 ? 6  DC  A O2    1 
ATOM   117 N N3    . DC  A 1 6 ? -1.209  -8.266  0.879   1.00 7.78  ? 6  DC  A N3    1 
ATOM   118 C C4    . DC  A 1 6 ? 0.077   -8.095  0.562   1.00 6.46  ? 6  DC  A C4    1 
ATOM   119 N N4    . DC  A 1 6 ? 0.327   -7.560  -0.625  1.00 6.15  ? 6  DC  A N4    1 
ATOM   120 C C5    . DC  A 1 6 ? 1.134   -8.429  1.468   1.00 7.71  ? 6  DC  A C5    1 
ATOM   121 C C6    . DC  A 1 6 ? 0.793   -8.962  2.657   1.00 8.23  ? 6  DC  A C6    1 
ATOM   122 O "O5'" . DG  B 1 1 ? -9.854  -4.494  -5.645  1.00 16.85 ? 7  DG  B "O5'" 1 
ATOM   123 C "C5'" . DG  B 1 1 ? -9.096  -5.700  -5.839  1.00 15.56 ? 7  DG  B "C5'" 1 
ATOM   124 C "C4'" . DG  B 1 1 ? -9.378  -6.557  -4.671  1.00 15.24 ? 7  DG  B "C4'" 1 
ATOM   125 O "O4'" . DG  B 1 1 ? -8.642  -7.757  -4.671  1.00 14.98 ? 7  DG  B "O4'" 1 
ATOM   126 C "C3'" . DG  B 1 1 ? -9.085  -5.863  -3.374  1.00 15.06 ? 7  DG  B "C3'" 1 
ATOM   127 O "O3'" . DG  B 1 1 ? -10.230 -5.137  -3.005  1.00 16.98 ? 7  DG  B "O3'" 1 
ATOM   128 C "C2'" . DG  B 1 1 ? -8.891  -7.071  -2.497  1.00 15.18 ? 7  DG  B "C2'" 1 
ATOM   129 C "C1'" . DG  B 1 1 ? -8.091  -7.967  -3.361  1.00 14.94 ? 7  DG  B "C1'" 1 
ATOM   130 N N9    . DG  B 1 1 ? -6.644  -7.668  -3.347  1.00 13.18 ? 7  DG  B N9    1 
ATOM   131 C C8    . DG  B 1 1 ? -5.851  -7.219  -4.359  1.00 13.68 ? 7  DG  B C8    1 
ATOM   132 N N7    . DG  B 1 1 ? -4.581  -7.056  -4.086  1.00 13.24 ? 7  DG  B N7    1 
ATOM   133 C C5    . DG  B 1 1 ? -4.542  -7.459  -2.759  1.00 13.27 ? 7  DG  B C5    1 
ATOM   134 C C6    . DG  B 1 1 ? -3.436  -7.546  -1.864  1.00 13.47 ? 7  DG  B C6    1 
ATOM   135 O O6    . DG  B 1 1 ? -2.244  -7.414  -2.032  1.00 13.91 ? 7  DG  B O6    1 
ATOM   136 N N1    . DG  B 1 1 ? -3.801  -7.910  -0.653  1.00 12.78 ? 7  DG  B N1    1 
ATOM   137 C C2    . DG  B 1 1 ? -5.036  -8.251  -0.301  1.00 12.87 ? 7  DG  B C2    1 
ATOM   138 N N2    . DG  B 1 1 ? -5.163  -8.540  0.957   1.00 12.44 ? 7  DG  B N2    1 
ATOM   139 N N3    . DG  B 1 1 ? -6.106  -8.245  -1.089  1.00 13.39 ? 7  DG  B N3    1 
ATOM   140 C C4    . DG  B 1 1 ? -5.786  -7.819  -2.312  1.00 12.93 ? 7  DG  B C4    1 
HETATM 141 N N1    . 5CM B 1 2 ? -6.645  -5.105  0.834   1.00 13.48 ? 8  5CM B N1    1 
HETATM 142 C C2    . 5CM B 1 2 ? -5.420  -5.268  1.431   1.00 12.47 ? 8  5CM B C2    1 
HETATM 143 N N3    . 5CM B 1 2 ? -4.307  -4.980  0.711   1.00 10.36 ? 8  5CM B N3    1 
HETATM 144 C C4    . 5CM B 1 2 ? -4.427  -4.519  -0.531  1.00 10.32 ? 8  5CM B C4    1 
HETATM 145 C C5    . 5CM B 1 2 ? -5.688  -4.270  -1.170  1.00 11.19 ? 8  5CM B C5    1 
HETATM 146 C C5A   . 5CM B 1 2 ? -5.794  -3.598  -2.569  1.00 11.10 ? 8  5CM B C5A   1 
HETATM 147 C C6    . 5CM B 1 2 ? -6.778  -4.610  -0.454  1.00 12.86 ? 8  5CM B C6    1 
HETATM 148 O O2    . 5CM B 1 2 ? -5.327  -5.623  2.593   1.00 12.38 ? 8  5CM B O2    1 
HETATM 149 N N4    . 5CM B 1 2 ? -3.274  -4.388  -1.167  1.00 11.84 ? 8  5CM B N4    1 
HETATM 150 C "C1'" . 5CM B 1 2 ? -7.808  -5.510  1.669   1.00 16.19 ? 8  5CM B "C1'" 1 
HETATM 151 C "C2'" . 5CM B 1 2 ? -8.263  -4.552  2.785   1.00 17.66 ? 8  5CM B "C2'" 1 
HETATM 152 C "C3'" . 5CM B 1 2 ? -9.322  -3.718  2.066   1.00 18.45 ? 8  5CM B "C3'" 1 
HETATM 153 C "C4'" . 5CM B 1 2 ? -10.036 -4.819  1.317   1.00 17.96 ? 8  5CM B "C4'" 1 
HETATM 154 O "O4'" . 5CM B 1 2 ? -8.951  -5.632  0.819   1.00 17.47 ? 8  5CM B "O4'" 1 
HETATM 155 O "O3'" . 5CM B 1 2 ? -10.188 -2.839  2.816   1.00 20.50 ? 8  5CM B "O3'" 1 
HETATM 156 C "C5'" . 5CM B 1 2 ? -10.852 -4.371  0.126   1.00 17.60 ? 8  5CM B "C5'" 1 
HETATM 157 O "O5'" . 5CM B 1 2 ? -9.966  -3.714  -0.753  1.00 17.29 ? 8  5CM B "O5'" 1 
HETATM 158 P P     . 5CM B 1 2 ? -10.351 -3.650  -2.313  1.00 18.27 ? 8  5CM B P     1 
HETATM 159 O OP1   . 5CM B 1 2 ? -11.809 -3.371  -2.324  1.00 18.30 ? 8  5CM B OP1   1 
HETATM 160 O OP2   . 5CM B 1 2 ? -9.408  -2.685  -2.917  1.00 16.47 ? 8  5CM B OP2   1 
ATOM   161 P P     . DC  B 1 3 ? -9.962  -1.170  2.678   1.00 22.91 ? 9  DC  B P     1 
ATOM   162 O OP1   . DC  B 1 3 ? -11.016 -0.562  3.525   1.00 22.16 ? 9  DC  B OP1   1 
ATOM   163 O OP2   . DC  B 1 3 ? -9.776  -0.715  1.275   1.00 20.47 ? 9  DC  B OP2   1 
ATOM   164 O "O5'" . DC  B 1 3 ? -8.518  -1.061  3.460   1.00 21.43 ? 9  DC  B "O5'" 1 
ATOM   165 C "C5'" . DC  B 1 3 ? -8.434  -1.484  4.839   1.00 20.99 ? 9  DC  B "C5'" 1 
ATOM   166 C "C4'" . DC  B 1 3 ? -6.986  -1.538  5.341   1.00 19.22 ? 9  DC  B "C4'" 1 
ATOM   167 O "O4'" . DC  B 1 3 ? -6.197  -2.484  4.600   1.00 19.51 ? 9  DC  B "O4'" 1 
ATOM   168 C "C3'" . DC  B 1 3 ? -6.202  -0.277  5.238   1.00 18.07 ? 9  DC  B "C3'" 1 
ATOM   169 O "O3'" . DC  B 1 3 ? -6.623  0.633   6.229   1.00 17.12 ? 9  DC  B "O3'" 1 
ATOM   170 C "C2'" . DC  B 1 3 ? -4.805  -0.793  5.440   1.00 17.89 ? 9  DC  B "C2'" 1 
ATOM   171 C "C1'" . DC  B 1 3 ? -4.834  -2.033  4.586   1.00 17.68 ? 9  DC  B "C1'" 1 
ATOM   172 N N1    . DC  B 1 3 ? -4.331  -1.865  3.217   1.00 17.04 ? 9  DC  B N1    1 
ATOM   173 C C2    . DC  B 1 3 ? -2.959  -1.816  3.064   1.00 17.17 ? 9  DC  B C2    1 
ATOM   174 O O2    . DC  B 1 3 ? -2.162  -1.922  3.998   1.00 19.67 ? 9  DC  B O2    1 
ATOM   175 N N3    . DC  B 1 3 ? -2.447  -1.604  1.826   1.00 16.71 ? 9  DC  B N3    1 
ATOM   176 C C4    . DC  B 1 3 ? -3.256  -1.403  0.779   1.00 16.25 ? 9  DC  B C4    1 
ATOM   177 N N4    . DC  B 1 3 ? -2.642  -1.090  -0.350  1.00 16.32 ? 9  DC  B N4    1 
ATOM   178 C C5    . DC  B 1 3 ? -4.675  -1.481  0.910   1.00 16.13 ? 9  DC  B C5    1 
ATOM   179 C C6    . DC  B 1 3 ? -5.173  -1.730  2.158   1.00 16.60 ? 9  DC  B C6    1 
ATOM   180 P P     . DG  B 1 4 ? -6.516  2.240   5.925   1.00 18.05 ? 10 DG  B P     1 
ATOM   181 O OP1   . DG  B 1 4 ? -7.233  2.862   7.063   1.00 18.67 ? 10 DG  B OP1   1 
ATOM   182 O OP2   . DG  B 1 4 ? -6.905  2.575   4.535   1.00 16.94 ? 10 DG  B OP2   1 
ATOM   183 O "O5'" . DG  B 1 4 ? -4.944  2.541   6.063   1.00 16.53 ? 10 DG  B "O5'" 1 
ATOM   184 C "C5'" . DG  B 1 4 ? -4.330  2.635   7.338   1.00 14.30 ? 10 DG  B "C5'" 1 
ATOM   185 C "C4'" . DG  B 1 4 ? -2.852  2.812   7.144   1.00 13.43 ? 10 DG  B "C4'" 1 
ATOM   186 O "O4'" . DG  B 1 4 ? -2.270  1.668   6.527   1.00 12.91 ? 10 DG  B "O4'" 1 
ATOM   187 C "C3'" . DG  B 1 4 ? -2.496  4.004   6.270   1.00 13.42 ? 10 DG  B "C3'" 1 
ATOM   188 O "O3'" . DG  B 1 4 ? -2.639  5.208   7.022   1.00 14.83 ? 10 DG  B "O3'" 1 
ATOM   189 C "C2'" . DG  B 1 4 ? -1.064  3.655   5.953   1.00 13.16 ? 10 DG  B "C2'" 1 
ATOM   190 C "C1'" . DG  B 1 4 ? -1.195  2.163   5.717   1.00 11.82 ? 10 DG  B "C1'" 1 
ATOM   191 N N9    . DG  B 1 4 ? -1.410  1.969   4.302   1.00 10.35 ? 10 DG  B N9    1 
ATOM   192 C C8    . DG  B 1 4 ? -2.562  1.835   3.598   1.00 10.01 ? 10 DG  B C8    1 
ATOM   193 N N7    . DG  B 1 4 ? -2.373  1.770   2.295   1.00 9.47  ? 10 DG  B N7    1 
ATOM   194 C C5    . DG  B 1 4 ? -0.964  1.866   2.154   1.00 9.50  ? 10 DG  B C5    1 
ATOM   195 C C6    . DG  B 1 4 ? -0.102  1.846   0.998   1.00 8.87  ? 10 DG  B C6    1 
ATOM   196 O O6    . DG  B 1 4 ? -0.381  1.697   -0.177  1.00 10.23 ? 10 DG  B O6    1 
ATOM   197 N N1    . DG  B 1 4 ? 1.191   2.000   1.299   1.00 7.71  ? 10 DG  B N1    1 
ATOM   198 C C2    . DG  B 1 4 ? 1.647   2.194   2.536   1.00 8.53  ? 10 DG  B C2    1 
ATOM   199 N N2    . DG  B 1 4 ? 2.894   2.520   2.699   1.00 7.67  ? 10 DG  B N2    1 
ATOM   200 N N3    . DG  B 1 4 ? 0.916   2.163   3.637   1.00 9.11  ? 10 DG  B N3    1 
ATOM   201 C C4    . DG  B 1 4 ? -0.395  1.995   3.375   1.00 9.50  ? 10 DG  B C4    1 
ATOM   202 P P     . DG  B 1 5 ? -3.053  6.611   6.335   1.00 14.56 ? 11 DG  B P     1 
ATOM   203 O OP1   . DG  B 1 5 ? -3.286  7.503   7.481   1.00 14.51 ? 11 DG  B OP1   1 
ATOM   204 O OP2   . DG  B 1 5 ? -4.101  6.400   5.309   1.00 12.06 ? 11 DG  B OP2   1 
ATOM   205 O "O5'" . DG  B 1 5 ? -1.613  7.009   5.624   1.00 13.04 ? 11 DG  B "O5'" 1 
ATOM   206 C "C5'" . DG  B 1 5 ? -0.506  7.356   6.463   1.00 10.71 ? 11 DG  B "C5'" 1 
ATOM   207 C "C4'" . DG  B 1 5 ? 0.795   7.417   5.647   1.00 9.66  ? 11 DG  B "C4'" 1 
ATOM   208 O "O4'" . DG  B 1 5 ? 0.930   6.202   4.913   1.00 7.49  ? 11 DG  B "O4'" 1 
ATOM   209 C "C3'" . DG  B 1 5 ? 0.891   8.419   4.522   1.00 8.45  ? 11 DG  B "C3'" 1 
ATOM   210 O "O3'" . DG  B 1 5 ? 1.164   9.742   4.918   1.00 8.25  ? 11 DG  B "O3'" 1 
ATOM   211 C "C2'" . DG  B 1 5 ? 2.047   7.913   3.772   1.00 7.64  ? 11 DG  B "C2'" 1 
ATOM   212 C "C1'" . DG  B 1 5 ? 1.774   6.462   3.825   1.00 7.32  ? 11 DG  B "C1'" 1 
ATOM   213 N N9    . DG  B 1 5 ? 1.080   5.966   2.687   1.00 6.84  ? 11 DG  B N9    1 
ATOM   214 C C8    . DG  B 1 5 ? -0.217  5.589   2.604   1.00 7.07  ? 11 DG  B C8    1 
ATOM   215 N N7    . DG  B 1 5 ? -0.562  5.139   1.433   1.00 7.57  ? 11 DG  B N7    1 
ATOM   216 C C5    . DG  B 1 5 ? 0.609   5.254   0.655   1.00 7.72  ? 11 DG  B C5    1 
ATOM   217 C C6    . DG  B 1 5 ? 0.896   4.997   -0.733  1.00 8.36  ? 11 DG  B C6    1 
ATOM   218 O O6    . DG  B 1 5 ? 0.245   4.582   -1.674  1.00 10.65 ? 11 DG  B O6    1 
ATOM   219 N N1    . DG  B 1 5 ? 2.173   5.271   -1.072  1.00 8.30  ? 11 DG  B N1    1 
ATOM   220 C C2    . DG  B 1 5 ? 3.102   5.725   -0.248  1.00 6.98  ? 11 DG  B C2    1 
ATOM   221 N N2    . DG  B 1 5 ? 4.286   5.859   -0.786  1.00 7.30  ? 11 DG  B N2    1 
ATOM   222 N N3    . DG  B 1 5 ? 2.898   6.005   1.040   1.00 6.87  ? 11 DG  B N3    1 
ATOM   223 C C4    . DG  B 1 5 ? 1.626   5.744   1.436   1.00 7.64  ? 11 DG  B C4    1 
ATOM   224 P P     . DC  B 1 6 ? 0.335   11.016  4.174   1.00 8.89  ? 12 DC  B P     1 
ATOM   225 O OP1   . DC  B 1 6 ? 0.523   12.138  5.116   1.00 9.44  ? 12 DC  B OP1   1 
ATOM   226 O OP2   . DC  B 1 6 ? -1.054  10.653  3.708   1.00 7.38  ? 12 DC  B OP2   1 
ATOM   227 O "O5'" . DC  B 1 6 ? 1.224   11.299  2.855   1.00 8.03  ? 12 DC  B "O5'" 1 
ATOM   228 C "C5'" . DC  B 1 6 ? 2.550   11.756  3.036   1.00 6.75  ? 12 DC  B "C5'" 1 
ATOM   229 C "C4'" . DC  B 1 6 ? 3.176   11.520  1.717   1.00 6.36  ? 12 DC  B "C4'" 1 
ATOM   230 O "O4'" . DC  B 1 6 ? 2.978   10.124  1.352   1.00 4.98  ? 12 DC  B "O4'" 1 
ATOM   231 C "C3'" . DC  B 1 6 ? 2.634   12.316  0.574   1.00 5.28  ? 12 DC  B "C3'" 1 
ATOM   232 O "O3'" . DC  B 1 6 ? 2.922   13.729  0.718   1.00 6.62  ? 12 DC  B "O3'" 1 
ATOM   233 C "C2'" . DC  B 1 6 ? 3.228   11.486  -0.565  1.00 5.19  ? 12 DC  B "C2'" 1 
ATOM   234 C "C1'" . DC  B 1 6 ? 3.094   10.010  -0.086  1.00 4.80  ? 12 DC  B "C1'" 1 
ATOM   235 N N1    . DC  B 1 6 ? 1.909   9.240   -0.533  1.00 5.27  ? 12 DC  B N1    1 
ATOM   236 C C2    . DC  B 1 6 ? 1.923   8.735   -1.815  1.00 5.18  ? 12 DC  B C2    1 
ATOM   237 O O2    . DC  B 1 6 ? 2.906   8.802   -2.524  1.00 6.12  ? 12 DC  B O2    1 
ATOM   238 N N3    . DC  B 1 6 ? 0.802   8.147   -2.320  1.00 7.14  ? 12 DC  B N3    1 
ATOM   239 C C4    . DC  B 1 6 ? -0.274  8.023   -1.557  1.00 5.45  ? 12 DC  B C4    1 
ATOM   240 N N4    . DC  B 1 6 ? -1.308  7.399   -2.091  1.00 6.95  ? 12 DC  B N4    1 
ATOM   241 C C5    . DC  B 1 6 ? -0.298  8.490   -0.209  1.00 5.61  ? 12 DC  B C5    1 
ATOM   242 C C6    . DC  B 1 6 ? 0.806   9.093   0.274   1.00 4.30  ? 12 DC  B C6    1 
HETATM 243 O O     . HOH C 2 . ? 4.554   -4.948  -0.114  1.00 39.01 ? 14 HOH A O     1 
HETATM 244 O O     . HOH C 2 . ? 2.404   -3.649  -2.435  1.00 18.41 ? 22 HOH A O     1 
HETATM 245 O O     . HOH C 2 . ? 3.620   -7.888  -1.044  1.00 46.22 ? 24 HOH A O     1 
HETATM 246 O O     . HOH C 2 . ? 12.688  0.848   -1.131  1.00 37.32 ? 25 HOH A O     1 
HETATM 247 O O     . HOH C 2 . ? 2.168   -14.433 6.723   1.00 2.00  ? 26 HOH A O     1 
HETATM 248 O O     . HOH C 2 . ? 8.092   -8.126  5.975   1.00 24.76 ? 30 HOH A O     1 
HETATM 249 O O     . HOH C 2 . ? -0.814  -4.419  -2.711  1.00 32.38 ? 31 HOH A O     1 
HETATM 250 O O     . HOH C 2 . ? 10.787  -7.297  4.785   1.00 26.78 ? 32 HOH A O     1 
HETATM 251 O O     . HOH C 2 . ? 12.383  -1.389  2.001   1.00 55.72 ? 34 HOH A O     1 
HETATM 252 O O     . HOH C 2 . ? 13.287  -2.885  -1.274  1.00 29.14 ? 37 HOH A O     1 
HETATM 253 O O     . HOH C 2 . ? 11.953  -2.379  -3.904  1.00 23.24 ? 39 HOH A O     1 
HETATM 254 O O     . HOH C 2 . ? -3.583  3.244   -7.725  1.00 53.20 ? 40 HOH A O     1 
HETATM 255 O O     . HOH C 2 . ? 10.319  -5.172  2.006   1.00 54.34 ? 41 HOH A O     1 
HETATM 256 O O     . HOH D 2 . ? -10.506 3.000   6.680   1.00 2.00  ? 13 HOH B O     1 
HETATM 257 O O     . HOH D 2 . ? -9.662  -8.466  1.593   1.00 22.34 ? 15 HOH B O     1 
HETATM 258 O O     . HOH D 2 . ? 3.820   2.017   5.396   1.00 32.81 ? 16 HOH B O     1 
HETATM 259 O O     . HOH D 2 . ? -5.868  -0.007  -2.296  1.00 42.06 ? 17 HOH B O     1 
HETATM 260 O O     . HOH D 2 . ? 1.916   15.605  3.084   1.00 9.26  ? 18 HOH B O     1 
HETATM 261 O O     . HOH D 2 . ? -8.446  -1.321  -0.635  1.00 32.42 ? 19 HOH B O     1 
HETATM 262 O O     . HOH D 2 . ? -10.810 -3.438  -8.114  1.00 21.07 ? 20 HOH B O     1 
HETATM 263 O O     . HOH D 2 . ? -14.138 0.425   1.103   1.00 14.02 ? 21 HOH B O     1 
HETATM 264 O O     . HOH D 2 . ? -4.481  7.429   -3.266  1.00 41.06 ? 23 HOH B O     1 
HETATM 265 O O     . HOH D 2 . ? -11.078 -1.639  -4.568  1.00 38.77 ? 27 HOH B O     1 
HETATM 266 O O     . HOH D 2 . ? -7.919  -2.610  -5.023  1.00 34.43 ? 28 HOH B O     1 
HETATM 267 O O     . HOH D 2 . ? -2.908  11.539  1.479   1.00 33.79 ? 29 HOH B O     1 
HETATM 268 O O     . HOH D 2 . ? 6.744   11.224  -4.080  0.50 94.34 ? 33 HOH B O     1 
HETATM 269 O O     . HOH D 2 . ? -4.977  6.281   -5.908  1.00 33.53 ? 35 HOH B O     1 
HETATM 270 O O     . HOH D 2 . ? 6.993   9.341   -1.971  1.00 65.65 ? 36 HOH B O     1 
HETATM 271 O O     . HOH D 2 . ? -10.399 3.604   3.578   1.00 20.04 ? 38 HOH B O     1 
HETATM 272 O O     . HOH D 2 . ? -3.223  7.722   2.830   1.00 47.07 ? 42 HOH B O     1 
HETATM 273 O O     . HOH D 2 . ? -6.896  5.337   -8.478  1.00 45.69 ? 43 HOH B O     1 
# 
